data_8QD9
#
_entry.id   8QD9
#
_cell.length_a   86.220
_cell.length_b   88.490
_cell.length_c   122.350
_cell.angle_alpha   90.00
_cell.angle_beta   90.00
_cell.angle_gamma   90.00
#
_symmetry.space_group_name_H-M   'P 21 21 21'
#
loop_
_entity.id
_entity.type
_entity.pdbx_description
1 polymer 'Yellowish-green 1-like protein'
2 non-polymer naphthalene-1,3,6,8-tetrol
3 non-polymer 1,2-ETHANEDIOL
4 water water
#
_entity_poly.entity_id   1
_entity_poly.type   'polypeptide(L)'
_entity_poly.pdbx_seq_one_letter_code
;MGWSHPQFEKENLYFQGSATEKYYIRDAITKPAVHHESYQKLWETKWKKPCEMGVYPFMFGSIKDFEPVAQEIIKKGLKE
PYDWDEYAQMYFPKAEELAKIAEEAEAAGEKEKASEYYLRSSAVYRISRFPTPRSEKQKYAWRKGCEVFYKGAALMEYPI
KEVRIPHKHGIEGEGDVVPVNFLLPPNASETSPVPCVLIITGLDGYRTELAVWQQGWRSKGVATVIAEIPGTGDSPALRQ
DPTSPDRQWSSVLDWIESQKAVDSKKIVAWGFSTGGYYALRMAHTHKDRLLATISLGGGAHHMFDREWLEHANKLEYPFD
LSNTLAYKFGYPDLESFIEESSKFSLLNDGTLQKPCTKVLLVNGNDDEIFPIDDMFVSLENGQPKLARMVKGKKHMGEPE
SFSIILEWIHKLLGLDGKIKEQLAMIPSRTK
;
_entity_poly.pdbx_strand_id   A,B
#
# COMPACT_ATOMS: atom_id res chain seq x y z
N SER A 18 6.49 -23.97 12.97
CA SER A 18 7.93 -23.60 12.96
C SER A 18 8.14 -22.38 12.06
N ALA A 19 9.29 -22.30 11.39
CA ALA A 19 9.61 -21.29 10.35
C ALA A 19 8.67 -21.49 9.15
N THR A 20 8.23 -22.72 8.90
CA THR A 20 7.35 -23.10 7.75
C THR A 20 5.99 -22.42 7.84
N GLU A 21 5.59 -21.91 9.02
CA GLU A 21 4.28 -21.27 9.25
C GLU A 21 4.43 -19.74 9.34
N LYS A 22 5.66 -19.22 9.44
CA LYS A 22 5.94 -17.84 9.90
C LYS A 22 5.66 -16.80 8.80
N TYR A 23 6.05 -17.08 7.55
CA TYR A 23 6.09 -16.08 6.45
C TYR A 23 5.01 -16.36 5.40
N TYR A 24 4.74 -15.37 4.55
CA TYR A 24 3.72 -15.42 3.47
C TYR A 24 3.92 -16.69 2.62
N ILE A 25 5.17 -17.00 2.25
CA ILE A 25 5.51 -18.11 1.30
C ILE A 25 5.44 -19.46 2.02
N ARG A 26 5.27 -19.49 3.35
CA ARG A 26 4.98 -20.72 4.15
C ARG A 26 6.13 -21.72 3.98
N ASP A 27 5.85 -22.96 3.56
CA ASP A 27 6.84 -24.07 3.54
C ASP A 27 7.72 -24.00 2.28
N ALA A 28 7.54 -23.01 1.40
CA ALA A 28 8.44 -22.75 0.25
C ALA A 28 9.88 -22.51 0.74
N ILE A 29 10.06 -22.05 1.99
CA ILE A 29 11.38 -21.72 2.59
C ILE A 29 12.18 -23.01 2.87
N THR A 30 11.56 -24.19 2.85
CA THR A 30 12.22 -25.48 3.20
C THR A 30 12.59 -26.26 1.95
N LYS A 31 12.31 -25.73 0.75
CA LYS A 31 12.56 -26.41 -0.55
C LYS A 31 13.85 -25.86 -1.15
N PRO A 32 14.98 -26.62 -1.09
CA PRO A 32 16.25 -26.14 -1.64
C PRO A 32 16.14 -26.00 -3.17
N ALA A 33 16.66 -24.89 -3.71
CA ALA A 33 16.67 -24.61 -5.16
C ALA A 33 17.81 -25.42 -5.81
N VAL A 34 17.55 -25.98 -6.99
CA VAL A 34 18.44 -26.95 -7.69
C VAL A 34 19.76 -26.28 -8.09
N HIS A 35 19.78 -24.96 -8.31
CA HIS A 35 20.99 -24.22 -8.76
C HIS A 35 22.10 -24.27 -7.71
N HIS A 36 21.79 -24.61 -6.45
CA HIS A 36 22.80 -24.72 -5.36
C HIS A 36 23.60 -26.03 -5.47
N GLU A 37 23.10 -27.01 -6.23
CA GLU A 37 23.74 -28.35 -6.37
C GLU A 37 25.08 -28.20 -7.09
N SER A 38 25.18 -27.33 -8.10
CA SER A 38 26.40 -27.18 -8.93
C SER A 38 26.33 -25.89 -9.76
N TYR A 39 27.47 -25.45 -10.28
CA TYR A 39 27.53 -24.33 -11.26
C TYR A 39 26.74 -24.75 -12.50
N GLN A 40 26.84 -26.02 -12.91
CA GLN A 40 26.13 -26.57 -14.09
C GLN A 40 24.63 -26.28 -13.95
N LYS A 41 24.07 -26.56 -12.77
CA LYS A 41 22.63 -26.33 -12.48
C LYS A 41 22.36 -24.81 -12.38
N LEU A 42 23.29 -24.02 -11.83
CA LEU A 42 23.16 -22.54 -11.79
C LEU A 42 23.04 -22.05 -13.24
N TRP A 43 23.96 -22.46 -14.11
CA TRP A 43 24.02 -22.05 -15.53
C TRP A 43 22.76 -22.53 -16.27
N GLU A 44 22.47 -23.82 -16.23
CA GLU A 44 21.40 -24.44 -17.06
C GLU A 44 20.03 -23.92 -16.62
N THR A 45 19.76 -23.78 -15.31
CA THR A 45 18.40 -23.52 -14.79
C THR A 45 18.17 -22.05 -14.44
N LYS A 46 19.20 -21.20 -14.38
CA LYS A 46 19.02 -19.81 -13.85
C LYS A 46 19.77 -18.75 -14.67
N TRP A 47 21.02 -18.99 -15.10
CA TRP A 47 21.89 -17.91 -15.62
C TRP A 47 21.96 -17.89 -17.15
N LYS A 48 21.90 -19.05 -17.81
CA LYS A 48 22.09 -19.12 -19.29
C LYS A 48 21.09 -18.19 -19.98
N LYS A 49 19.82 -18.24 -19.55
CA LYS A 49 18.70 -17.49 -20.17
C LYS A 49 18.91 -15.98 -20.05
N PRO A 50 19.05 -15.40 -18.82
CA PRO A 50 19.30 -13.96 -18.70
C PRO A 50 20.57 -13.51 -19.43
N CYS A 51 21.60 -14.36 -19.47
CA CYS A 51 22.86 -14.08 -20.22
C CYS A 51 22.54 -13.96 -21.72
N GLU A 52 21.76 -14.90 -22.28
CA GLU A 52 21.32 -14.89 -23.70
C GLU A 52 20.54 -13.60 -23.99
N MET A 53 19.70 -13.15 -23.05
CA MET A 53 18.81 -11.97 -23.22
C MET A 53 19.58 -10.67 -22.91
N GLY A 54 20.80 -10.78 -22.37
CA GLY A 54 21.64 -9.62 -22.01
C GLY A 54 21.03 -8.79 -20.89
N VAL A 55 20.37 -9.42 -19.92
CA VAL A 55 19.75 -8.74 -18.74
C VAL A 55 20.45 -9.23 -17.47
N TYR A 56 20.15 -8.58 -16.33
CA TYR A 56 20.80 -8.80 -15.02
C TYR A 56 20.86 -10.30 -14.74
N PRO A 57 22.00 -10.84 -14.27
CA PRO A 57 23.21 -10.05 -13.98
C PRO A 57 24.23 -9.87 -15.13
N PHE A 58 23.77 -9.96 -16.39
CA PHE A 58 24.64 -10.01 -17.59
C PHE A 58 24.43 -8.75 -18.46
N MET A 59 24.01 -7.62 -17.87
CA MET A 59 23.91 -6.33 -18.60
C MET A 59 25.28 -6.01 -19.21
N PHE A 60 25.29 -5.49 -20.44
CA PHE A 60 26.49 -5.12 -21.24
C PHE A 60 27.21 -6.38 -21.73
N GLY A 61 26.76 -7.57 -21.33
CA GLY A 61 27.48 -8.84 -21.57
C GLY A 61 26.99 -9.51 -22.85
N SER A 62 27.66 -10.60 -23.24
CA SER A 62 27.29 -11.44 -24.40
C SER A 62 27.45 -12.92 -24.03
N ILE A 63 26.48 -13.75 -24.45
CA ILE A 63 26.54 -15.24 -24.35
C ILE A 63 27.82 -15.73 -25.04
N LYS A 64 28.27 -15.05 -26.10
CA LYS A 64 29.50 -15.39 -26.87
C LYS A 64 30.71 -15.37 -25.93
N ASP A 65 30.69 -14.51 -24.90
CA ASP A 65 31.80 -14.36 -23.92
C ASP A 65 31.65 -15.39 -22.80
N PHE A 66 30.43 -15.54 -22.25
CA PHE A 66 30.17 -16.28 -20.98
C PHE A 66 30.08 -17.79 -21.24
N GLU A 67 29.50 -18.24 -22.35
CA GLU A 67 29.22 -19.68 -22.57
C GLU A 67 30.52 -20.49 -22.55
N PRO A 68 31.59 -20.07 -23.28
CA PRO A 68 32.87 -20.78 -23.21
C PRO A 68 33.42 -20.88 -21.78
N VAL A 69 33.24 -19.83 -20.97
CA VAL A 69 33.71 -19.78 -19.55
C VAL A 69 32.88 -20.76 -18.72
N ALA A 70 31.54 -20.71 -18.84
CA ALA A 70 30.61 -21.64 -18.17
C ALA A 70 31.00 -23.10 -18.46
N GLN A 71 31.26 -23.42 -19.74
CA GLN A 71 31.63 -24.79 -20.19
C GLN A 71 32.89 -25.25 -19.44
N GLU A 72 33.88 -24.37 -19.29
CA GLU A 72 35.16 -24.70 -18.60
C GLU A 72 34.90 -24.91 -17.09
N ILE A 73 34.06 -24.07 -16.49
CA ILE A 73 33.69 -24.19 -15.04
C ILE A 73 32.95 -25.52 -14.83
N ILE A 74 32.05 -25.87 -15.75
CA ILE A 74 31.19 -27.08 -15.65
C ILE A 74 32.08 -28.33 -15.79
N LYS A 75 33.06 -28.32 -16.70
CA LYS A 75 34.03 -29.43 -16.89
C LYS A 75 34.85 -29.61 -15.60
N LYS A 76 35.13 -28.52 -14.88
CA LYS A 76 35.92 -28.53 -13.62
C LYS A 76 35.02 -29.00 -12.46
N GLY A 77 33.70 -28.94 -12.63
CA GLY A 77 32.70 -29.45 -11.67
C GLY A 77 32.56 -28.56 -10.44
N LEU A 78 32.83 -27.26 -10.56
CA LEU A 78 32.79 -26.32 -9.41
C LEU A 78 31.38 -26.28 -8.82
N LYS A 79 31.27 -26.14 -7.49
CA LYS A 79 29.99 -26.15 -6.75
C LYS A 79 30.21 -25.64 -5.32
N GLU A 80 29.12 -25.27 -4.64
CA GLU A 80 29.14 -24.86 -3.21
C GLU A 80 29.70 -26.02 -2.38
N PRO A 81 30.57 -25.75 -1.37
CA PRO A 81 31.13 -24.42 -1.12
C PRO A 81 32.19 -24.05 -2.16
N TYR A 82 32.08 -22.87 -2.76
CA TYR A 82 33.05 -22.36 -3.78
C TYR A 82 34.33 -21.89 -3.10
N ASP A 83 35.47 -22.17 -3.73
CA ASP A 83 36.76 -21.48 -3.50
C ASP A 83 36.77 -20.25 -4.42
N TRP A 84 36.58 -19.06 -3.85
CA TRP A 84 36.26 -17.83 -4.64
C TRP A 84 37.45 -17.40 -5.49
N ASP A 85 38.69 -17.71 -5.11
CA ASP A 85 39.91 -17.44 -5.93
C ASP A 85 39.93 -18.38 -7.15
N GLU A 86 39.64 -19.67 -6.93
CA GLU A 86 39.57 -20.71 -8.00
C GLU A 86 38.44 -20.33 -8.97
N TYR A 87 37.30 -19.92 -8.42
CA TYR A 87 36.08 -19.54 -9.18
C TYR A 87 36.38 -18.32 -10.06
N ALA A 88 36.90 -17.25 -9.44
CA ALA A 88 37.12 -15.93 -10.08
C ALA A 88 38.09 -16.08 -11.26
N GLN A 89 39.20 -16.80 -11.05
CA GLN A 89 40.28 -17.04 -12.05
C GLN A 89 39.72 -17.63 -13.35
N MET A 90 38.63 -18.40 -13.30
CA MET A 90 38.04 -19.06 -14.49
C MET A 90 37.57 -17.99 -15.50
N TYR A 91 37.21 -16.79 -15.03
CA TYR A 91 36.64 -15.69 -15.85
C TYR A 91 37.73 -14.81 -16.45
N PHE A 92 38.96 -14.87 -15.93
CA PHE A 92 40.00 -13.85 -16.17
C PHE A 92 40.53 -13.91 -17.60
N PRO A 93 40.91 -15.08 -18.16
CA PRO A 93 41.37 -15.13 -19.55
C PRO A 93 40.40 -14.46 -20.54
N LYS A 94 39.09 -14.70 -20.39
CA LYS A 94 38.03 -14.10 -21.26
C LYS A 94 37.93 -12.59 -21.02
N ALA A 95 37.92 -12.14 -19.75
CA ALA A 95 37.84 -10.71 -19.38
C ALA A 95 39.02 -9.96 -20.03
N GLU A 96 40.22 -10.54 -20.01
CA GLU A 96 41.46 -9.93 -20.54
C GLU A 96 41.40 -9.86 -22.07
N GLU A 97 40.94 -10.94 -22.72
CA GLU A 97 40.75 -11.05 -24.19
C GLU A 97 39.88 -9.89 -24.68
N LEU A 98 38.76 -9.64 -23.99
CA LEU A 98 37.77 -8.59 -24.37
C LEU A 98 38.39 -7.20 -24.17
N ALA A 99 39.17 -7.01 -23.10
CA ALA A 99 39.85 -5.73 -22.76
C ALA A 99 40.92 -5.42 -23.82
N LYS A 100 41.67 -6.43 -24.28
CA LYS A 100 42.70 -6.30 -25.34
C LYS A 100 42.02 -5.89 -26.66
N ILE A 101 40.88 -6.50 -26.99
CA ILE A 101 40.09 -6.18 -28.22
C ILE A 101 39.64 -4.71 -28.15
N ALA A 102 39.10 -4.29 -27.00
CA ALA A 102 38.64 -2.90 -26.73
C ALA A 102 39.79 -1.91 -26.97
N GLU A 103 40.96 -2.20 -26.40
CA GLU A 103 42.19 -1.34 -26.49
C GLU A 103 42.58 -1.14 -27.96
N GLU A 104 42.57 -2.22 -28.76
CA GLU A 104 42.96 -2.20 -30.20
C GLU A 104 41.92 -1.40 -31.00
N ALA A 105 40.63 -1.54 -30.67
CA ALA A 105 39.52 -0.77 -31.27
C ALA A 105 39.69 0.74 -30.98
N GLU A 106 40.03 1.09 -29.72
CA GLU A 106 40.22 2.49 -29.28
C GLU A 106 41.41 3.10 -30.03
N ALA A 107 42.50 2.34 -30.19
CA ALA A 107 43.72 2.73 -30.93
C ALA A 107 43.40 3.05 -32.40
N ALA A 108 42.43 2.31 -32.98
CA ALA A 108 42.02 2.42 -34.41
C ALA A 108 40.96 3.51 -34.60
N GLY A 109 40.44 4.09 -33.51
CA GLY A 109 39.41 5.13 -33.54
C GLY A 109 37.99 4.55 -33.65
N GLU A 110 37.87 3.23 -33.55
CA GLU A 110 36.55 2.52 -33.55
C GLU A 110 35.94 2.70 -32.16
N LYS A 111 35.31 3.86 -31.91
CA LYS A 111 34.81 4.30 -30.58
C LYS A 111 33.65 3.40 -30.12
N GLU A 112 32.67 3.17 -31.00
CA GLU A 112 31.44 2.35 -30.70
C GLU A 112 31.86 0.93 -30.33
N LYS A 113 32.84 0.37 -31.04
CA LYS A 113 33.33 -1.02 -30.82
C LYS A 113 34.12 -1.07 -29.52
N ALA A 114 35.06 -0.13 -29.31
CA ALA A 114 35.87 0.01 -28.08
C ALA A 114 34.95 0.00 -26.85
N SER A 115 33.95 0.87 -26.84
CA SER A 115 32.95 1.01 -25.75
C SER A 115 32.32 -0.35 -25.45
N GLU A 116 31.82 -1.03 -26.49
CA GLU A 116 31.14 -2.35 -26.40
C GLU A 116 32.04 -3.37 -25.71
N TYR A 117 33.30 -3.50 -26.12
CA TYR A 117 34.21 -4.58 -25.67
C TYR A 117 34.74 -4.28 -24.26
N TYR A 118 34.94 -3.00 -23.91
CA TYR A 118 35.28 -2.57 -22.53
C TYR A 118 34.15 -2.99 -21.58
N LEU A 119 32.90 -2.76 -21.98
CA LEU A 119 31.70 -3.07 -21.17
C LEU A 119 31.51 -4.60 -21.11
N ARG A 120 31.82 -5.32 -22.19
CA ARG A 120 31.76 -6.80 -22.24
C ARG A 120 32.81 -7.36 -21.27
N SER A 121 34.01 -6.76 -21.25
CA SER A 121 35.10 -7.12 -20.29
C SER A 121 34.61 -6.89 -18.85
N SER A 122 33.99 -5.72 -18.59
CA SER A 122 33.49 -5.32 -17.26
C SER A 122 32.44 -6.33 -16.76
N ALA A 123 31.60 -6.86 -17.66
CA ALA A 123 30.55 -7.85 -17.34
C ALA A 123 31.21 -9.17 -16.88
N VAL A 124 32.28 -9.60 -17.55
CA VAL A 124 32.96 -10.88 -17.22
C VAL A 124 33.65 -10.74 -15.85
N TYR A 125 34.37 -9.64 -15.61
CA TYR A 125 35.00 -9.32 -14.30
C TYR A 125 33.90 -9.29 -13.21
N ARG A 126 32.77 -8.66 -13.51
CA ARG A 126 31.62 -8.54 -12.56
C ARG A 126 31.24 -9.92 -12.03
N ILE A 127 30.90 -10.85 -12.91
CA ILE A 127 30.34 -12.18 -12.51
C ILE A 127 31.43 -12.95 -11.75
N SER A 128 32.71 -12.74 -12.08
CA SER A 128 33.87 -13.37 -11.39
C SER A 128 33.88 -12.99 -9.90
N ARG A 129 33.33 -11.83 -9.52
CA ARG A 129 33.32 -11.36 -8.11
C ARG A 129 31.89 -11.35 -7.55
N PHE A 130 30.93 -12.00 -8.22
CA PHE A 130 29.61 -12.34 -7.65
C PHE A 130 29.82 -13.47 -6.64
N PRO A 131 29.07 -13.52 -5.51
CA PRO A 131 28.03 -12.55 -5.19
C PRO A 131 28.52 -11.23 -4.56
N THR A 132 29.63 -11.27 -3.82
CA THR A 132 30.36 -10.08 -3.31
C THR A 132 31.84 -10.46 -3.13
N PRO A 133 32.79 -9.53 -3.37
CA PRO A 133 34.22 -9.87 -3.26
C PRO A 133 34.60 -10.33 -1.84
N ARG A 134 34.88 -11.63 -1.69
CA ARG A 134 35.24 -12.26 -0.39
C ARG A 134 36.59 -12.99 -0.50
N SER A 135 37.36 -12.73 -1.55
CA SER A 135 38.72 -13.28 -1.77
C SER A 135 39.55 -12.23 -2.51
N GLU A 136 40.88 -12.40 -2.54
CA GLU A 136 41.81 -11.39 -3.10
C GLU A 136 41.56 -11.26 -4.60
N LYS A 137 41.32 -12.36 -5.31
CA LYS A 137 41.11 -12.34 -6.78
C LYS A 137 39.75 -11.71 -7.11
N GLN A 138 38.75 -11.87 -6.24
CA GLN A 138 37.43 -11.19 -6.39
C GLN A 138 37.60 -9.68 -6.15
N LYS A 139 38.41 -9.29 -5.15
CA LYS A 139 38.71 -7.87 -4.84
C LYS A 139 39.45 -7.26 -6.03
N TYR A 140 40.36 -8.02 -6.64
CA TYR A 140 41.10 -7.66 -7.88
C TYR A 140 40.09 -7.44 -9.02
N ALA A 141 39.17 -8.40 -9.22
CA ALA A 141 38.16 -8.39 -10.32
C ALA A 141 37.28 -7.14 -10.21
N TRP A 142 36.91 -6.74 -8.98
CA TRP A 142 36.13 -5.51 -8.71
C TRP A 142 36.88 -4.30 -9.28
N ARG A 143 38.15 -4.15 -8.91
CA ARG A 143 39.01 -3.01 -9.34
C ARG A 143 39.17 -3.05 -10.86
N LYS A 144 39.45 -4.23 -11.44
CA LYS A 144 39.69 -4.38 -12.90
C LYS A 144 38.39 -4.12 -13.66
N GLY A 145 37.25 -4.61 -13.18
CA GLY A 145 35.93 -4.44 -13.80
C GLY A 145 35.53 -2.98 -13.85
N CYS A 146 35.75 -2.25 -12.76
CA CYS A 146 35.50 -0.79 -12.63
C CYS A 146 36.32 -0.02 -13.66
N GLU A 147 37.59 -0.37 -13.78
CA GLU A 147 38.54 0.31 -14.69
C GLU A 147 38.01 0.17 -16.13
N VAL A 148 37.67 -1.04 -16.57
CA VAL A 148 37.22 -1.29 -17.97
C VAL A 148 35.81 -0.73 -18.16
N PHE A 149 34.95 -0.75 -17.13
CA PHE A 149 33.59 -0.17 -17.23
C PHE A 149 33.70 1.33 -17.58
N TYR A 150 34.55 2.08 -16.88
CA TYR A 150 34.65 3.55 -17.03
C TYR A 150 35.33 3.88 -18.37
N LYS A 151 36.24 3.03 -18.87
CA LYS A 151 36.82 3.20 -20.22
C LYS A 151 35.70 3.06 -21.25
N GLY A 152 34.84 2.04 -21.07
CA GLY A 152 33.65 1.82 -21.93
C GLY A 152 32.68 2.98 -21.84
N ALA A 153 32.36 3.41 -20.62
CA ALA A 153 31.39 4.49 -20.32
C ALA A 153 31.87 5.81 -20.93
N ALA A 154 33.18 6.09 -20.88
CA ALA A 154 33.78 7.34 -21.39
C ALA A 154 33.65 7.41 -22.92
N LEU A 155 33.46 6.27 -23.59
CA LEU A 155 33.37 6.15 -25.06
C LEU A 155 31.91 5.95 -25.51
N MET A 156 30.94 6.02 -24.59
CA MET A 156 29.49 6.12 -24.93
C MET A 156 29.23 7.47 -25.62
N GLU A 157 28.26 7.52 -26.54
CA GLU A 157 27.84 8.75 -27.25
C GLU A 157 27.62 9.89 -26.23
N TYR A 158 26.93 9.57 -25.13
CA TYR A 158 26.74 10.46 -23.96
C TYR A 158 27.51 9.86 -22.79
N PRO A 159 28.79 10.25 -22.58
CA PRO A 159 29.65 9.56 -21.62
C PRO A 159 29.12 9.59 -20.18
N ILE A 160 29.06 8.43 -19.54
CA ILE A 160 28.85 8.30 -18.07
C ILE A 160 30.22 8.46 -17.42
N LYS A 161 30.32 9.32 -16.39
CA LYS A 161 31.60 9.60 -15.70
C LYS A 161 31.51 9.12 -14.24
N GLU A 162 32.67 8.82 -13.65
CA GLU A 162 32.84 8.65 -12.19
C GLU A 162 32.92 10.03 -11.56
N VAL A 163 32.16 10.26 -10.49
CA VAL A 163 32.33 11.44 -9.59
C VAL A 163 32.69 10.91 -8.20
N ARG A 164 33.82 11.36 -7.66
CA ARG A 164 34.29 10.99 -6.30
C ARG A 164 33.80 12.08 -5.34
N ILE A 165 32.55 11.95 -4.89
CA ILE A 165 31.86 12.96 -4.05
C ILE A 165 32.58 12.99 -2.71
N PRO A 166 33.12 14.15 -2.26
CA PRO A 166 33.71 14.25 -0.93
C PRO A 166 32.70 13.82 0.15
N HIS A 167 33.09 12.90 1.03
CA HIS A 167 32.24 12.40 2.13
C HIS A 167 32.39 13.34 3.33
N LYS A 168 31.94 14.58 3.17
CA LYS A 168 32.01 15.67 4.19
C LYS A 168 31.33 15.22 5.49
N HIS A 169 30.31 14.35 5.39
CA HIS A 169 29.52 13.86 6.55
C HIS A 169 30.12 12.57 7.12
N GLY A 170 31.23 12.09 6.56
CA GLY A 170 31.94 10.89 7.05
C GLY A 170 32.45 11.10 8.46
N ILE A 171 32.54 10.03 9.25
CA ILE A 171 33.17 10.05 10.60
C ILE A 171 34.41 9.16 10.58
N GLU A 172 35.08 9.04 11.73
CA GLU A 172 36.35 8.26 11.88
C GLU A 172 36.13 6.84 11.36
N GLY A 173 37.08 6.34 10.57
CA GLY A 173 37.07 4.96 10.03
C GLY A 173 36.30 4.83 8.73
N GLU A 174 35.71 5.90 8.21
CA GLU A 174 34.96 5.90 6.92
C GLU A 174 35.87 6.43 5.79
N GLY A 175 35.59 6.00 4.56
CA GLY A 175 36.29 6.47 3.35
C GLY A 175 36.07 7.95 3.13
N ASP A 176 36.97 8.61 2.40
CA ASP A 176 36.96 10.09 2.21
C ASP A 176 36.01 10.48 1.07
N VAL A 177 35.58 9.55 0.22
CA VAL A 177 34.75 9.86 -0.98
C VAL A 177 33.64 8.81 -1.16
N VAL A 178 32.53 9.23 -1.77
CA VAL A 178 31.43 8.36 -2.28
C VAL A 178 31.57 8.33 -3.80
N PRO A 179 32.23 7.31 -4.38
CA PRO A 179 32.33 7.18 -5.84
C PRO A 179 30.96 6.85 -6.43
N VAL A 180 30.50 7.68 -7.39
CA VAL A 180 29.19 7.48 -8.08
C VAL A 180 29.41 7.55 -9.59
N ASN A 181 28.49 6.96 -10.34
CA ASN A 181 28.27 7.26 -11.78
C ASN A 181 27.43 8.53 -11.85
N PHE A 182 27.68 9.36 -12.85
CA PHE A 182 26.92 10.60 -13.11
C PHE A 182 26.67 10.72 -14.62
N LEU A 183 25.43 10.96 -15.02
CA LEU A 183 25.04 11.29 -16.41
C LEU A 183 24.04 12.44 -16.38
N LEU A 184 24.38 13.53 -17.08
CA LEU A 184 23.56 14.74 -17.21
C LEU A 184 23.09 14.85 -18.66
N PRO A 185 21.76 14.95 -18.93
CA PRO A 185 21.27 15.06 -20.30
C PRO A 185 21.81 16.35 -20.92
N PRO A 186 22.02 16.40 -22.25
CA PRO A 186 22.49 17.61 -22.92
C PRO A 186 21.46 18.73 -22.81
N ASN A 187 21.94 19.98 -22.78
CA ASN A 187 21.08 21.20 -22.69
C ASN A 187 20.56 21.37 -21.25
N ALA A 188 20.86 20.45 -20.33
CA ALA A 188 20.60 20.61 -18.88
C ALA A 188 21.47 21.75 -18.37
N SER A 189 20.90 22.69 -17.62
CA SER A 189 21.59 23.91 -17.12
C SER A 189 20.85 24.48 -15.92
N GLU A 190 21.46 25.44 -15.23
CA GLU A 190 20.85 26.16 -14.08
C GLU A 190 19.57 26.87 -14.56
N THR A 191 19.57 27.34 -15.81
CA THR A 191 18.43 28.00 -16.49
C THR A 191 17.30 26.98 -16.72
N SER A 192 17.62 25.80 -17.25
CA SER A 192 16.65 24.70 -17.53
C SER A 192 17.10 23.43 -16.80
N PRO A 193 16.93 23.37 -15.46
CA PRO A 193 17.42 22.23 -14.67
C PRO A 193 16.55 20.99 -14.87
N VAL A 194 17.12 19.81 -14.60
CA VAL A 194 16.45 18.50 -14.89
C VAL A 194 16.26 17.73 -13.59
N PRO A 195 15.22 16.86 -13.51
CA PRO A 195 15.10 15.94 -12.38
C PRO A 195 16.30 14.98 -12.34
N CYS A 196 16.50 14.32 -11.21
CA CYS A 196 17.60 13.34 -11.01
C CYS A 196 17.02 12.07 -10.39
N VAL A 197 17.27 10.92 -11.01
CA VAL A 197 16.98 9.61 -10.39
C VAL A 197 18.27 9.15 -9.72
N LEU A 198 18.27 9.09 -8.39
CA LEU A 198 19.38 8.53 -7.58
C LEU A 198 19.14 7.03 -7.49
N ILE A 199 19.97 6.24 -8.16
CA ILE A 199 19.82 4.76 -8.16
C ILE A 199 20.71 4.21 -7.04
N ILE A 200 20.11 3.47 -6.10
CA ILE A 200 20.84 2.77 -5.00
C ILE A 200 20.92 1.29 -5.37
N THR A 201 22.15 0.77 -5.47
CA THR A 201 22.42 -0.56 -6.05
C THR A 201 22.23 -1.59 -4.93
N GLY A 202 22.55 -2.86 -5.21
CA GLY A 202 22.14 -3.98 -4.35
C GLY A 202 23.32 -4.69 -3.73
N LEU A 203 23.11 -5.94 -3.33
CA LEU A 203 24.12 -6.79 -2.64
C LEU A 203 25.20 -7.24 -3.63
N ASP A 204 24.88 -7.43 -4.91
CA ASP A 204 25.81 -8.02 -5.92
C ASP A 204 26.00 -7.06 -7.12
N GLY A 205 24.92 -6.43 -7.59
CA GLY A 205 24.95 -5.42 -8.66
C GLY A 205 25.30 -4.06 -8.09
N TYR A 206 26.45 -3.50 -8.51
CA TYR A 206 27.00 -2.21 -8.01
C TYR A 206 26.85 -1.17 -9.13
N ARG A 207 27.54 -0.03 -9.04
CA ARG A 207 27.27 1.10 -9.96
C ARG A 207 27.61 0.71 -11.41
N THR A 208 28.51 -0.25 -11.60
CA THR A 208 28.94 -0.76 -12.93
C THR A 208 27.83 -1.59 -13.58
N GLU A 209 26.84 -2.06 -12.80
CA GLU A 209 25.71 -2.90 -13.29
C GLU A 209 24.49 -2.02 -13.56
N LEU A 210 24.06 -1.24 -12.58
CA LEU A 210 22.80 -0.43 -12.66
C LEU A 210 23.02 0.76 -13.61
N ALA A 211 24.27 1.02 -14.01
CA ALA A 211 24.65 1.93 -15.10
C ALA A 211 23.75 1.72 -16.33
N VAL A 212 23.27 0.49 -16.56
CA VAL A 212 22.45 0.12 -17.75
C VAL A 212 21.17 0.98 -17.83
N TRP A 213 20.71 1.56 -16.71
CA TRP A 213 19.49 2.41 -16.68
C TRP A 213 19.76 3.85 -17.17
N GLN A 214 21.02 4.29 -17.19
CA GLN A 214 21.34 5.75 -17.23
C GLN A 214 20.97 6.36 -18.59
N GLN A 215 21.25 5.70 -19.71
CA GLN A 215 20.99 6.28 -21.06
C GLN A 215 19.47 6.44 -21.25
N GLY A 216 18.67 5.48 -20.80
CA GLY A 216 17.20 5.58 -20.79
C GLY A 216 16.73 6.87 -20.15
N TRP A 217 17.16 7.12 -18.91
CA TRP A 217 16.79 8.35 -18.13
C TRP A 217 17.29 9.59 -18.87
N ARG A 218 18.51 9.56 -19.38
CA ARG A 218 19.10 10.67 -20.18
C ARG A 218 18.15 10.99 -21.34
N SER A 219 17.69 9.97 -22.08
CA SER A 219 16.82 10.13 -23.28
C SER A 219 15.49 10.81 -22.91
N LYS A 220 15.06 10.71 -21.64
CA LYS A 220 13.79 11.29 -21.14
C LYS A 220 14.03 12.64 -20.45
N GLY A 221 15.25 13.17 -20.51
CA GLY A 221 15.64 14.46 -19.90
C GLY A 221 15.84 14.36 -18.39
N VAL A 222 16.34 13.23 -17.90
CA VAL A 222 16.53 12.99 -16.44
C VAL A 222 18.00 12.63 -16.16
N ALA A 223 18.62 13.34 -15.21
CA ALA A 223 19.99 13.06 -14.73
C ALA A 223 19.95 11.79 -13.89
N THR A 224 21.07 11.07 -13.81
CA THR A 224 21.21 9.91 -12.90
C THR A 224 22.50 10.01 -12.09
N VAL A 225 22.40 9.62 -10.83
CA VAL A 225 23.54 9.37 -9.91
C VAL A 225 23.37 7.95 -9.39
N ILE A 226 24.40 7.11 -9.49
CA ILE A 226 24.34 5.70 -9.03
C ILE A 226 25.35 5.52 -7.90
N ALA A 227 24.88 5.08 -6.73
CA ALA A 227 25.68 4.91 -5.50
C ALA A 227 25.42 3.53 -4.91
N GLU A 228 26.47 2.96 -4.34
CA GLU A 228 26.45 1.62 -3.70
C GLU A 228 26.04 1.75 -2.24
N ILE A 229 25.40 0.72 -1.72
CA ILE A 229 25.02 0.60 -0.29
C ILE A 229 26.27 0.29 0.54
N PRO A 230 26.27 0.65 1.84
CA PRO A 230 27.36 0.32 2.75
C PRO A 230 27.82 -1.15 2.64
N GLY A 231 29.13 -1.35 2.62
CA GLY A 231 29.77 -2.69 2.62
C GLY A 231 29.70 -3.37 1.25
N THR A 232 29.53 -2.59 0.18
CA THR A 232 29.57 -3.08 -1.22
C THR A 232 30.32 -2.07 -2.10
N GLY A 233 30.85 -2.51 -3.23
CA GLY A 233 31.55 -1.66 -4.21
C GLY A 233 32.59 -0.77 -3.52
N ASP A 234 32.45 0.55 -3.64
CA ASP A 234 33.41 1.53 -3.07
C ASP A 234 32.71 2.40 -2.02
N SER A 235 31.62 1.93 -1.42
CA SER A 235 30.92 2.68 -0.34
C SER A 235 31.91 2.95 0.79
N PRO A 236 32.08 4.22 1.23
CA PRO A 236 32.97 4.54 2.35
C PRO A 236 32.35 4.30 3.74
N ALA A 237 31.11 3.82 3.78
CA ALA A 237 30.26 3.75 5.00
C ALA A 237 30.72 2.61 5.91
N LEU A 238 30.72 2.84 7.23
CA LEU A 238 30.93 1.78 8.26
C LEU A 238 29.90 0.69 8.04
N ARG A 239 30.35 -0.57 7.95
CA ARG A 239 29.48 -1.73 7.63
C ARG A 239 28.48 -1.98 8.77
N GLN A 240 28.94 -1.98 10.02
CA GLN A 240 28.17 -2.48 11.19
C GLN A 240 27.29 -1.37 11.79
N ASP A 241 27.47 -0.11 11.37
CA ASP A 241 26.79 1.07 11.95
C ASP A 241 25.51 1.33 11.17
N PRO A 242 24.31 1.08 11.75
CA PRO A 242 23.06 1.33 11.04
C PRO A 242 22.89 2.75 10.48
N THR A 243 23.58 3.73 11.07
CA THR A 243 23.47 5.18 10.71
C THR A 243 24.48 5.56 9.61
N SER A 244 25.36 4.66 9.19
CA SER A 244 26.38 4.93 8.15
C SER A 244 25.73 5.34 6.82
N PRO A 245 24.65 4.70 6.32
CA PRO A 245 24.00 5.15 5.09
C PRO A 245 23.48 6.59 5.21
N ASP A 246 22.99 6.98 6.40
CA ASP A 246 22.40 8.32 6.64
C ASP A 246 23.47 9.37 6.28
N ARG A 247 24.70 9.18 6.78
CA ARG A 247 25.84 10.07 6.51
C ARG A 247 26.16 10.08 5.01
N GLN A 248 26.18 8.89 4.38
CA GLN A 248 26.48 8.75 2.93
C GLN A 248 25.50 9.60 2.12
N TRP A 249 24.20 9.52 2.39
CA TRP A 249 23.16 10.21 1.57
C TRP A 249 23.25 11.72 1.79
N SER A 250 23.65 12.16 2.99
CA SER A 250 23.89 13.59 3.30
C SER A 250 24.99 14.13 2.39
N SER A 251 26.11 13.40 2.25
CA SER A 251 27.22 13.77 1.34
C SER A 251 26.75 13.76 -0.11
N VAL A 252 26.03 12.72 -0.54
CA VAL A 252 25.56 12.56 -1.95
C VAL A 252 24.57 13.68 -2.28
N LEU A 253 23.61 13.95 -1.41
CA LEU A 253 22.54 14.95 -1.67
C LEU A 253 23.12 16.36 -1.57
N ASP A 254 24.11 16.61 -0.70
CA ASP A 254 24.85 17.89 -0.66
C ASP A 254 25.50 18.12 -2.03
N TRP A 255 26.09 17.09 -2.64
CA TRP A 255 26.77 17.21 -3.95
C TRP A 255 25.75 17.45 -5.07
N ILE A 256 24.62 16.73 -5.07
CA ILE A 256 23.57 16.90 -6.13
C ILE A 256 23.05 18.35 -6.05
N GLU A 257 22.82 18.88 -4.84
CA GLU A 257 22.37 20.27 -4.60
C GLU A 257 23.37 21.27 -5.18
N SER A 258 24.67 20.96 -5.14
CA SER A 258 25.75 21.83 -5.69
C SER A 258 25.69 21.87 -7.23
N GLN A 259 25.18 20.80 -7.87
CA GLN A 259 25.02 20.72 -9.34
C GLN A 259 23.75 21.48 -9.75
N LYS A 260 23.89 22.73 -10.20
CA LYS A 260 22.76 23.67 -10.46
C LYS A 260 21.98 23.24 -11.71
N ALA A 261 22.55 22.37 -12.56
CA ALA A 261 21.88 21.80 -13.75
C ALA A 261 20.84 20.75 -13.32
N VAL A 262 20.89 20.32 -12.05
CA VAL A 262 19.87 19.42 -11.44
C VAL A 262 18.92 20.26 -10.58
N ASP A 263 17.62 20.01 -10.72
CA ASP A 263 16.55 20.55 -9.85
C ASP A 263 16.53 19.72 -8.56
N SER A 264 17.05 20.29 -7.46
CA SER A 264 17.17 19.65 -6.13
C SER A 264 15.78 19.32 -5.54
N LYS A 265 14.72 19.92 -6.07
CA LYS A 265 13.32 19.62 -5.65
C LYS A 265 12.73 18.44 -6.44
N LYS A 266 13.49 17.84 -7.36
CA LYS A 266 13.01 16.70 -8.18
C LYS A 266 14.04 15.57 -8.16
N ILE A 267 14.44 15.16 -6.96
CA ILE A 267 15.33 13.97 -6.76
C ILE A 267 14.43 12.79 -6.34
N VAL A 268 14.47 11.73 -7.14
CA VAL A 268 13.77 10.45 -6.88
C VAL A 268 14.84 9.39 -6.62
N ALA A 269 14.82 8.78 -5.42
CA ALA A 269 15.73 7.68 -5.03
C ALA A 269 15.04 6.36 -5.40
N TRP A 270 15.68 5.56 -6.25
CA TRP A 270 15.19 4.21 -6.63
C TRP A 270 16.18 3.16 -6.13
N GLY A 271 15.78 2.40 -5.10
CA GLY A 271 16.56 1.30 -4.51
C GLY A 271 16.22 -0.03 -5.14
N PHE A 272 17.23 -0.72 -5.68
CA PHE A 272 17.13 -2.06 -6.33
C PHE A 272 17.54 -3.14 -5.32
N SER A 273 16.64 -4.07 -5.05
CA SER A 273 16.91 -5.27 -4.22
C SER A 273 17.31 -4.81 -2.81
N THR A 274 18.50 -5.16 -2.32
CA THR A 274 18.99 -4.69 -0.99
C THR A 274 18.95 -3.16 -0.95
N GLY A 275 19.20 -2.50 -2.08
CA GLY A 275 19.07 -1.04 -2.25
C GLY A 275 17.70 -0.52 -1.80
N GLY A 276 16.65 -1.33 -1.97
CA GLY A 276 15.28 -1.04 -1.52
C GLY A 276 15.21 -0.67 -0.04
N TYR A 277 15.92 -1.41 0.82
CA TYR A 277 15.99 -1.11 2.27
C TYR A 277 16.47 0.34 2.45
N TYR A 278 17.51 0.74 1.71
CA TYR A 278 18.17 2.07 1.84
C TYR A 278 17.26 3.16 1.28
N ALA A 279 16.56 2.91 0.16
CA ALA A 279 15.58 3.84 -0.43
C ALA A 279 14.44 4.10 0.57
N LEU A 280 13.93 3.05 1.22
CA LEU A 280 12.84 3.15 2.22
C LEU A 280 13.36 3.93 3.43
N ARG A 281 14.57 3.60 3.91
CA ARG A 281 15.18 4.25 5.09
C ARG A 281 15.31 5.75 4.81
N MET A 282 15.86 6.13 3.65
CA MET A 282 16.23 7.55 3.38
C MET A 282 14.97 8.39 3.09
N ALA A 283 13.84 7.79 2.72
CA ALA A 283 12.55 8.51 2.59
C ALA A 283 12.21 9.17 3.95
N HIS A 284 12.68 8.59 5.05
CA HIS A 284 12.48 9.08 6.44
C HIS A 284 13.64 10.01 6.84
N THR A 285 14.89 9.53 6.71
CA THR A 285 16.10 10.22 7.22
C THR A 285 16.31 11.54 6.45
N HIS A 286 15.92 11.58 5.17
CA HIS A 286 16.17 12.70 4.24
C HIS A 286 14.87 13.11 3.54
N LYS A 287 13.73 13.00 4.23
CA LYS A 287 12.37 13.33 3.71
C LYS A 287 12.39 14.65 2.94
N ASP A 288 12.97 15.70 3.51
CA ASP A 288 12.86 17.11 3.02
C ASP A 288 13.75 17.33 1.80
N ARG A 289 14.60 16.35 1.42
CA ARG A 289 15.58 16.50 0.32
C ARG A 289 15.22 15.60 -0.86
N LEU A 290 14.13 14.83 -0.77
CA LEU A 290 13.71 13.83 -1.81
C LEU A 290 12.23 14.03 -2.16
N LEU A 291 11.93 14.11 -3.44
CA LEU A 291 10.53 14.17 -3.96
C LEU A 291 9.86 12.81 -3.72
N ALA A 292 10.60 11.72 -3.89
CA ALA A 292 10.07 10.35 -3.71
C ALA A 292 11.20 9.34 -3.57
N THR A 293 10.87 8.17 -3.02
CA THR A 293 11.76 6.99 -3.02
C THR A 293 10.94 5.78 -3.46
N ILE A 294 11.62 4.82 -4.07
CA ILE A 294 11.06 3.53 -4.55
C ILE A 294 11.93 2.43 -3.96
N SER A 295 11.29 1.48 -3.29
CA SER A 295 11.91 0.21 -2.86
C SER A 295 11.40 -0.88 -3.80
N LEU A 296 12.27 -1.40 -4.67
CA LEU A 296 11.94 -2.55 -5.56
C LEU A 296 12.66 -3.78 -5.02
N GLY A 297 11.89 -4.71 -4.43
CA GLY A 297 12.43 -5.94 -3.82
C GLY A 297 13.29 -5.64 -2.61
N GLY A 298 12.94 -4.61 -1.84
CA GLY A 298 13.63 -4.28 -0.57
C GLY A 298 13.07 -5.09 0.57
N GLY A 299 13.68 -4.95 1.74
CA GLY A 299 13.15 -5.42 3.04
C GLY A 299 13.23 -4.30 4.05
N ALA A 300 12.93 -4.60 5.32
CA ALA A 300 12.79 -3.59 6.39
C ALA A 300 13.06 -4.16 7.79
N HIS A 301 12.72 -5.42 8.04
CA HIS A 301 12.59 -5.98 9.42
C HIS A 301 12.83 -7.50 9.42
N HIS A 302 11.91 -8.27 8.84
CA HIS A 302 11.95 -9.75 8.81
C HIS A 302 13.11 -10.26 7.95
N MET A 303 13.68 -9.41 7.09
CA MET A 303 14.94 -9.76 6.35
C MET A 303 16.09 -10.01 7.34
N PHE A 304 16.00 -9.53 8.57
CA PHE A 304 17.06 -9.70 9.62
C PHE A 304 16.72 -10.81 10.61
N ASP A 305 15.60 -11.52 10.41
CA ASP A 305 15.12 -12.62 11.28
C ASP A 305 16.09 -13.82 11.21
N ARG A 306 16.39 -14.45 12.35
CA ARG A 306 17.13 -15.73 12.42
C ARG A 306 16.48 -16.72 11.45
N GLU A 307 15.15 -16.90 11.55
CA GLU A 307 14.37 -17.91 10.80
C GLU A 307 14.57 -17.69 9.30
N TRP A 308 14.36 -16.45 8.83
CA TRP A 308 14.51 -16.10 7.39
C TRP A 308 15.95 -16.36 6.93
N LEU A 309 16.94 -15.84 7.67
CA LEU A 309 18.37 -15.90 7.26
C LEU A 309 18.86 -17.35 7.32
N GLU A 310 18.32 -18.17 8.22
CA GLU A 310 18.75 -19.59 8.38
C GLU A 310 18.20 -20.44 7.23
N HIS A 311 17.28 -19.92 6.41
CA HIS A 311 16.67 -20.66 5.26
C HIS A 311 17.11 -20.08 3.90
N ALA A 312 17.42 -18.78 3.84
CA ALA A 312 17.59 -18.03 2.55
C ALA A 312 18.83 -18.48 1.77
N ASN A 313 19.84 -19.06 2.43
CA ASN A 313 21.08 -19.56 1.76
C ASN A 313 20.74 -20.57 0.66
N LYS A 314 19.62 -21.30 0.77
CA LYS A 314 19.27 -22.46 -0.10
C LYS A 314 18.14 -22.12 -1.09
N LEU A 315 17.72 -20.85 -1.19
CA LEU A 315 16.50 -20.48 -1.97
C LEU A 315 16.91 -19.77 -3.27
N GLU A 316 16.11 -18.83 -3.78
CA GLU A 316 16.18 -18.42 -5.20
C GLU A 316 17.51 -17.70 -5.52
N TYR A 317 18.16 -17.10 -4.52
CA TYR A 317 19.43 -16.36 -4.72
C TYR A 317 20.46 -17.31 -5.33
N PRO A 318 21.26 -16.89 -6.33
CA PRO A 318 22.20 -17.79 -7.01
C PRO A 318 23.22 -18.46 -6.09
N PHE A 319 23.70 -17.78 -5.04
CA PHE A 319 24.75 -18.27 -4.12
C PHE A 319 24.20 -18.27 -2.68
N ASP A 320 24.97 -17.78 -1.71
CA ASP A 320 24.66 -17.88 -0.25
C ASP A 320 24.22 -16.49 0.25
N LEU A 321 22.95 -16.14 0.03
CA LEU A 321 22.36 -14.81 0.32
C LEU A 321 22.73 -14.38 1.75
N SER A 322 22.39 -15.20 2.75
CA SER A 322 22.47 -14.86 4.19
C SER A 322 23.93 -14.61 4.61
N ASN A 323 24.85 -15.48 4.20
CA ASN A 323 26.30 -15.33 4.42
C ASN A 323 26.80 -14.04 3.75
N THR A 324 26.33 -13.77 2.53
CA THR A 324 26.76 -12.60 1.71
C THR A 324 26.29 -11.33 2.41
N LEU A 325 25.04 -11.32 2.86
CA LEU A 325 24.42 -10.20 3.62
C LEU A 325 25.22 -9.97 4.91
N ALA A 326 25.56 -11.05 5.64
CA ALA A 326 26.37 -11.00 6.88
C ALA A 326 27.71 -10.29 6.61
N TYR A 327 28.38 -10.66 5.53
CA TYR A 327 29.69 -10.08 5.12
C TYR A 327 29.52 -8.59 4.77
N LYS A 328 28.46 -8.25 4.04
CA LYS A 328 28.13 -6.85 3.64
C LYS A 328 27.90 -6.00 4.90
N PHE A 329 27.34 -6.58 5.97
CA PHE A 329 27.08 -5.87 7.25
C PHE A 329 28.30 -5.93 8.19
N GLY A 330 29.41 -6.54 7.75
CA GLY A 330 30.73 -6.46 8.42
C GLY A 330 30.94 -7.54 9.46
N TYR A 331 30.21 -8.66 9.35
CA TYR A 331 30.27 -9.78 10.32
C TYR A 331 31.08 -10.93 9.72
N PRO A 332 31.92 -11.62 10.51
CA PRO A 332 32.79 -12.68 10.00
C PRO A 332 32.07 -14.00 9.65
N ASP A 333 30.82 -14.19 10.10
CA ASP A 333 30.01 -15.39 9.82
C ASP A 333 28.53 -15.06 10.04
N LEU A 334 27.62 -15.97 9.68
CA LEU A 334 26.15 -15.74 9.72
C LEU A 334 25.68 -15.63 11.17
N GLU A 335 26.13 -16.54 12.05
CA GLU A 335 25.66 -16.61 13.46
C GLU A 335 25.92 -15.26 14.14
N SER A 336 27.11 -14.68 13.97
CA SER A 336 27.49 -13.37 14.57
C SER A 336 26.59 -12.25 14.02
N PHE A 337 26.26 -12.29 12.72
CA PHE A 337 25.33 -11.33 12.09
C PHE A 337 23.94 -11.47 12.72
N ILE A 338 23.42 -12.71 12.79
CA ILE A 338 22.07 -13.00 13.35
C ILE A 338 22.01 -12.52 14.80
N GLU A 339 23.12 -12.65 15.55
CA GLU A 339 23.21 -12.23 16.97
C GLU A 339 22.85 -10.75 17.10
N GLU A 340 23.18 -9.92 16.10
CA GLU A 340 23.08 -8.44 16.17
C GLU A 340 22.17 -7.86 15.08
N SER A 341 21.64 -8.66 14.15
CA SER A 341 20.96 -8.19 12.92
C SER A 341 19.73 -7.33 13.24
N SER A 342 19.08 -7.57 14.39
CA SER A 342 17.83 -6.88 14.82
C SER A 342 18.03 -5.35 14.82
N LYS A 343 19.26 -4.86 15.02
CA LYS A 343 19.55 -3.41 15.17
C LYS A 343 19.45 -2.67 13.82
N PHE A 344 19.47 -3.40 12.69
CA PHE A 344 19.35 -2.82 11.34
C PHE A 344 17.87 -2.66 10.94
N SER A 345 16.95 -3.28 11.70
CA SER A 345 15.49 -3.22 11.42
C SER A 345 15.01 -1.76 11.46
N LEU A 346 14.33 -1.31 10.41
CA LEU A 346 13.70 0.04 10.34
C LEU A 346 12.54 0.11 11.33
N LEU A 347 12.01 -1.03 11.78
CA LEU A 347 10.97 -1.07 12.85
C LEU A 347 11.64 -0.92 14.22
N ASN A 348 12.64 -1.77 14.50
CA ASN A 348 13.33 -1.82 15.82
C ASN A 348 13.98 -0.46 16.11
N ASP A 349 14.56 0.20 15.10
CA ASP A 349 15.38 1.43 15.28
C ASP A 349 14.51 2.68 15.22
N GLY A 350 13.19 2.53 15.00
CA GLY A 350 12.20 3.62 15.08
C GLY A 350 12.06 4.41 13.78
N THR A 351 12.79 4.05 12.73
CA THR A 351 12.77 4.77 11.41
C THR A 351 11.33 4.86 10.89
N LEU A 352 10.60 3.74 10.88
CA LEU A 352 9.25 3.62 10.26
C LEU A 352 8.21 4.44 11.04
N GLN A 353 8.52 4.93 12.23
CA GLN A 353 7.59 5.80 13.03
C GLN A 353 7.69 7.26 12.57
N LYS A 354 8.78 7.64 11.90
CA LYS A 354 9.03 9.04 11.46
C LYS A 354 8.20 9.35 10.22
N PRO A 355 7.92 10.64 9.94
CA PRO A 355 7.34 11.06 8.67
C PRO A 355 8.24 10.65 7.49
N CYS A 356 7.62 10.35 6.34
CA CYS A 356 8.36 10.00 5.09
C CYS A 356 7.87 10.88 3.94
N THR A 357 8.75 11.11 2.96
CA THR A 357 8.38 11.67 1.63
C THR A 357 7.55 10.60 0.91
N LYS A 358 7.20 10.84 -0.36
CA LYS A 358 6.44 9.86 -1.18
C LYS A 358 7.26 8.56 -1.26
N VAL A 359 6.62 7.43 -0.96
CA VAL A 359 7.25 6.07 -0.99
C VAL A 359 6.39 5.18 -1.90
N LEU A 360 7.05 4.50 -2.84
CA LEU A 360 6.43 3.41 -3.65
C LEU A 360 7.15 2.10 -3.32
N LEU A 361 6.39 1.10 -2.83
CA LEU A 361 6.89 -0.26 -2.53
C LEU A 361 6.38 -1.21 -3.61
N VAL A 362 7.28 -1.95 -4.25
CA VAL A 362 6.94 -2.97 -5.27
C VAL A 362 7.79 -4.21 -4.99
N ASN A 363 7.16 -5.39 -5.01
CA ASN A 363 7.88 -6.68 -4.93
C ASN A 363 6.96 -7.83 -5.35
N GLY A 364 7.57 -8.92 -5.81
CA GLY A 364 6.90 -10.23 -5.96
C GLY A 364 6.55 -10.81 -4.60
N ASN A 365 5.30 -11.26 -4.44
CA ASN A 365 4.76 -11.90 -3.21
C ASN A 365 5.67 -13.06 -2.78
N ASP A 366 6.16 -13.84 -3.74
CA ASP A 366 6.84 -15.15 -3.51
C ASP A 366 8.34 -14.97 -3.33
N ASP A 367 8.83 -13.74 -3.14
CA ASP A 367 10.26 -13.39 -2.93
C ASP A 367 10.87 -14.31 -1.85
N GLU A 368 12.00 -14.95 -2.15
CA GLU A 368 12.77 -15.84 -1.22
C GLU A 368 14.14 -15.23 -0.91
N ILE A 369 14.37 -13.98 -1.28
CA ILE A 369 15.60 -13.22 -0.92
C ILE A 369 15.26 -12.32 0.27
N PHE A 370 14.22 -11.48 0.15
CA PHE A 370 13.59 -10.72 1.26
C PHE A 370 12.10 -11.02 1.27
N PRO A 371 11.47 -11.15 2.45
CA PRO A 371 10.06 -11.53 2.51
C PRO A 371 9.11 -10.38 2.13
N ILE A 372 8.02 -10.70 1.42
CA ILE A 372 6.89 -9.77 1.15
C ILE A 372 6.33 -9.28 2.49
N ASP A 373 6.53 -10.06 3.56
CA ASP A 373 6.13 -9.71 4.95
C ASP A 373 6.68 -8.34 5.33
N ASP A 374 7.84 -7.95 4.77
CA ASP A 374 8.48 -6.63 5.05
C ASP A 374 7.74 -5.49 4.32
N MET A 375 7.07 -5.74 3.20
CA MET A 375 6.14 -4.74 2.62
C MET A 375 5.02 -4.51 3.63
N PHE A 376 4.48 -5.58 4.23
CA PHE A 376 3.40 -5.47 5.25
C PHE A 376 3.91 -4.62 6.43
N VAL A 377 5.10 -4.91 6.96
CA VAL A 377 5.68 -4.12 8.11
C VAL A 377 5.78 -2.65 7.69
N SER A 378 6.21 -2.39 6.46
CA SER A 378 6.38 -1.03 5.89
C SER A 378 5.02 -0.30 5.84
N LEU A 379 3.94 -1.02 5.58
CA LEU A 379 2.56 -0.48 5.47
C LEU A 379 1.87 -0.46 6.84
N GLU A 380 2.46 -1.10 7.86
CA GLU A 380 1.87 -1.23 9.22
C GLU A 380 2.33 -0.07 10.12
N ASN A 381 3.20 0.82 9.62
CA ASN A 381 3.87 1.83 10.48
C ASN A 381 3.95 3.18 9.76
N GLY A 382 3.80 4.26 10.51
CA GLY A 382 3.91 5.66 10.05
C GLY A 382 2.83 6.00 9.04
N GLN A 383 3.19 6.79 8.03
CA GLN A 383 2.24 7.34 7.04
C GLN A 383 1.90 6.27 6.00
N PRO A 384 0.75 6.38 5.30
CA PRO A 384 0.43 5.49 4.19
C PRO A 384 1.49 5.60 3.10
N LYS A 385 1.76 4.48 2.43
CA LYS A 385 2.75 4.38 1.33
C LYS A 385 2.06 3.78 0.10
N LEU A 386 2.54 4.14 -1.10
CA LEU A 386 2.11 3.51 -2.36
C LEU A 386 2.70 2.10 -2.43
N ALA A 387 1.90 1.12 -2.82
CA ALA A 387 2.31 -0.30 -2.97
C ALA A 387 1.70 -0.89 -4.24
N ARG A 388 2.49 -1.69 -4.95
CA ARG A 388 2.02 -2.71 -5.92
C ARG A 388 2.69 -4.04 -5.54
N MET A 389 1.89 -5.02 -5.14
CA MET A 389 2.31 -6.43 -4.95
C MET A 389 2.18 -7.12 -6.32
N VAL A 390 3.12 -8.01 -6.64
CA VAL A 390 3.08 -8.82 -7.89
C VAL A 390 2.88 -10.28 -7.49
N LYS A 391 1.65 -10.76 -7.59
CA LYS A 391 1.25 -12.14 -7.22
C LYS A 391 1.96 -13.15 -8.14
N GLY A 392 2.38 -14.29 -7.59
CA GLY A 392 2.95 -15.41 -8.37
C GLY A 392 4.32 -15.09 -8.95
N LYS A 393 4.99 -14.04 -8.47
CA LYS A 393 6.39 -13.72 -8.85
C LYS A 393 7.26 -13.65 -7.61
N LYS A 394 8.56 -13.95 -7.77
CA LYS A 394 9.57 -13.94 -6.69
C LYS A 394 10.30 -12.58 -6.71
N HIS A 395 11.53 -12.52 -6.21
CA HIS A 395 12.30 -11.27 -5.98
C HIS A 395 12.15 -10.33 -7.18
N MET A 396 11.72 -9.09 -6.92
CA MET A 396 11.68 -7.93 -7.85
C MET A 396 10.36 -7.87 -8.63
N GLY A 397 9.57 -8.95 -8.65
CA GLY A 397 8.26 -9.00 -9.36
C GLY A 397 8.38 -8.59 -10.82
N GLU A 398 9.40 -9.07 -11.52
CA GLU A 398 9.67 -8.75 -12.94
C GLU A 398 8.83 -9.61 -13.87
N PRO A 399 8.54 -9.13 -15.10
CA PRO A 399 8.96 -7.81 -15.56
C PRO A 399 8.02 -6.64 -15.22
N GLU A 400 6.81 -6.93 -14.73
CA GLU A 400 5.74 -5.91 -14.54
C GLU A 400 6.23 -4.78 -13.61
N SER A 401 7.03 -5.10 -12.59
CA SER A 401 7.53 -4.13 -11.58
C SER A 401 8.17 -2.92 -12.28
N PHE A 402 9.00 -3.14 -13.29
CA PHE A 402 9.74 -2.05 -13.99
C PHE A 402 8.76 -1.12 -14.70
N SER A 403 7.70 -1.67 -15.31
CA SER A 403 6.64 -0.89 -16.01
C SER A 403 5.86 -0.06 -14.99
N ILE A 404 5.48 -0.67 -13.86
CA ILE A 404 4.75 0.00 -12.75
C ILE A 404 5.55 1.23 -12.29
N ILE A 405 6.85 1.05 -12.04
CA ILE A 405 7.72 2.09 -11.43
C ILE A 405 7.98 3.22 -12.45
N LEU A 406 8.33 2.88 -13.69
CA LEU A 406 8.57 3.89 -14.76
C LEU A 406 7.29 4.70 -14.99
N GLU A 407 6.14 4.05 -15.07
CA GLU A 407 4.83 4.72 -15.24
C GLU A 407 4.67 5.77 -14.12
N TRP A 408 4.95 5.39 -12.87
CA TRP A 408 4.75 6.28 -11.68
C TRP A 408 5.76 7.45 -11.73
N ILE A 409 7.03 7.18 -12.02
CA ILE A 409 8.08 8.25 -12.06
C ILE A 409 7.78 9.22 -13.21
N HIS A 410 7.37 8.72 -14.38
CA HIS A 410 6.97 9.58 -15.53
C HIS A 410 5.84 10.53 -15.10
N LYS A 411 4.84 10.00 -14.38
CA LYS A 411 3.67 10.79 -13.90
C LYS A 411 4.17 11.83 -12.88
N LEU A 412 5.00 11.39 -11.93
CA LEU A 412 5.58 12.24 -10.86
C LEU A 412 6.38 13.41 -11.46
N LEU A 413 7.23 13.17 -12.46
CA LEU A 413 8.18 14.18 -13.00
C LEU A 413 7.60 14.84 -14.26
N GLY A 414 6.40 14.44 -14.69
CA GLY A 414 5.73 14.98 -15.89
C GLY A 414 6.54 14.72 -17.15
N LEU A 415 7.06 13.50 -17.30
CA LEU A 415 7.85 13.07 -18.49
C LEU A 415 6.90 12.63 -19.60
N ASP A 416 7.43 12.11 -20.72
CA ASP A 416 6.64 11.85 -21.95
C ASP A 416 5.74 10.61 -21.78
N GLY A 417 5.92 9.83 -20.71
CA GLY A 417 5.13 8.61 -20.43
C GLY A 417 5.47 7.45 -21.36
N LYS A 418 6.52 7.57 -22.18
CA LYS A 418 6.88 6.57 -23.22
C LYS A 418 7.79 5.52 -22.58
N ILE A 419 7.21 4.67 -21.74
CA ILE A 419 7.99 3.78 -20.83
C ILE A 419 8.48 2.55 -21.61
N LYS A 420 7.74 2.12 -22.64
CA LYS A 420 8.15 0.97 -23.50
C LYS A 420 9.45 1.32 -24.22
N GLU A 421 9.53 2.54 -24.77
CA GLU A 421 10.75 3.07 -25.44
C GLU A 421 11.92 3.00 -24.48
N GLN A 422 11.72 3.43 -23.24
CA GLN A 422 12.78 3.50 -22.20
C GLN A 422 13.23 2.07 -21.85
N LEU A 423 12.29 1.16 -21.59
CA LEU A 423 12.57 -0.23 -21.15
C LEU A 423 13.31 -1.01 -22.25
N ALA A 424 13.00 -0.76 -23.52
CA ALA A 424 13.59 -1.47 -24.68
C ALA A 424 15.11 -1.23 -24.72
N MET A 425 15.59 -0.14 -24.11
CA MET A 425 17.03 0.23 -24.10
C MET A 425 17.81 -0.63 -23.11
N ILE A 426 17.14 -1.42 -22.26
CA ILE A 426 17.80 -2.17 -21.13
C ILE A 426 18.53 -3.40 -21.68
N PRO A 427 17.87 -4.33 -22.41
CA PRO A 427 18.54 -5.56 -22.87
C PRO A 427 19.78 -5.26 -23.73
N SER A 428 20.88 -5.95 -23.45
CA SER A 428 22.19 -5.83 -24.15
C SER A 428 22.20 -6.76 -25.38
N SER B 18 -7.67 -26.57 3.69
CA SER B 18 -8.70 -26.18 4.71
C SER B 18 -8.89 -24.66 4.68
N ALA B 19 -10.07 -24.19 5.09
CA ALA B 19 -10.42 -22.76 5.25
C ALA B 19 -9.57 -22.15 6.37
N THR B 20 -9.16 -22.98 7.35
CA THR B 20 -8.36 -22.57 8.54
C THR B 20 -6.96 -22.10 8.14
N GLU B 21 -6.49 -22.47 6.94
CA GLU B 21 -5.13 -22.13 6.44
C GLU B 21 -5.20 -21.10 5.29
N LYS B 22 -6.41 -20.72 4.84
CA LYS B 22 -6.59 -19.98 3.56
C LYS B 22 -6.29 -18.48 3.75
N TYR B 23 -6.71 -17.89 4.86
CA TYR B 23 -6.73 -16.41 5.06
C TYR B 23 -5.62 -15.99 6.02
N TYR B 24 -5.29 -14.70 6.02
CA TYR B 24 -4.24 -14.07 6.86
C TYR B 24 -4.46 -14.42 8.34
N ILE B 25 -5.73 -14.39 8.81
CA ILE B 25 -6.08 -14.62 10.25
C ILE B 25 -6.09 -16.12 10.56
N ARG B 26 -5.97 -16.98 9.54
CA ARG B 26 -5.77 -18.45 9.66
C ARG B 26 -6.89 -19.05 10.52
N ASP B 27 -6.56 -19.77 11.60
CA ASP B 27 -7.52 -20.57 12.40
C ASP B 27 -8.49 -19.67 13.18
N ALA B 28 -8.24 -18.35 13.23
CA ALA B 28 -9.07 -17.37 13.99
C ALA B 28 -10.52 -17.39 13.49
N ILE B 29 -10.75 -17.87 12.26
CA ILE B 29 -12.10 -17.94 11.61
C ILE B 29 -12.96 -19.04 12.26
N THR B 30 -12.37 -19.96 13.04
CA THR B 30 -13.09 -21.12 13.63
C THR B 30 -13.46 -20.89 15.10
N LYS B 31 -13.13 -19.73 15.67
CA LYS B 31 -13.38 -19.38 17.09
C LYS B 31 -14.64 -18.52 17.18
N PRO B 32 -15.80 -19.08 17.59
CA PRO B 32 -17.02 -18.29 17.72
C PRO B 32 -16.89 -17.24 18.82
N ALA B 33 -17.30 -16.00 18.54
CA ALA B 33 -17.32 -14.87 19.50
C ALA B 33 -18.44 -15.08 20.53
N VAL B 34 -18.18 -14.73 21.79
CA VAL B 34 -19.08 -14.99 22.96
C VAL B 34 -20.40 -14.21 22.82
N HIS B 35 -20.38 -13.05 22.13
CA HIS B 35 -21.54 -12.13 22.05
C HIS B 35 -22.71 -12.75 21.27
N HIS B 36 -22.46 -13.83 20.51
CA HIS B 36 -23.50 -14.59 19.76
C HIS B 36 -24.34 -15.47 20.70
N GLU B 37 -23.90 -15.69 21.94
CA GLU B 37 -24.57 -16.59 22.92
C GLU B 37 -25.90 -15.97 23.37
N SER B 38 -25.98 -14.64 23.48
CA SER B 38 -27.16 -13.91 24.01
C SER B 38 -27.00 -12.41 23.80
N TYR B 39 -28.10 -11.65 23.89
CA TYR B 39 -28.07 -10.16 23.94
C TYR B 39 -27.27 -9.73 25.18
N GLN B 40 -27.43 -10.45 26.30
CA GLN B 40 -26.65 -10.23 27.56
C GLN B 40 -25.15 -10.24 27.23
N LYS B 41 -24.69 -11.27 26.49
CA LYS B 41 -23.28 -11.42 26.03
C LYS B 41 -22.89 -10.25 25.13
N LEU B 42 -23.77 -9.89 24.17
CA LEU B 42 -23.54 -8.79 23.21
C LEU B 42 -23.40 -7.47 23.97
N TRP B 43 -24.32 -7.22 24.91
CA TRP B 43 -24.33 -6.00 25.75
C TRP B 43 -23.06 -5.96 26.62
N GLU B 44 -22.78 -7.05 27.34
CA GLU B 44 -21.71 -7.10 28.37
C GLU B 44 -20.33 -6.94 27.69
N THR B 45 -20.08 -7.68 26.61
CA THR B 45 -18.72 -7.90 26.05
C THR B 45 -18.43 -7.00 24.85
N LYS B 46 -19.44 -6.31 24.28
CA LYS B 46 -19.27 -5.59 22.99
C LYS B 46 -19.94 -4.20 22.98
N TRP B 47 -21.22 -4.11 23.37
CA TRP B 47 -22.08 -2.93 23.06
C TRP B 47 -22.11 -1.92 24.22
N LYS B 48 -22.06 -2.37 25.48
CA LYS B 48 -22.16 -1.46 26.66
C LYS B 48 -21.10 -0.36 26.56
N LYS B 49 -19.85 -0.72 26.26
CA LYS B 49 -18.68 0.21 26.26
C LYS B 49 -18.90 1.33 25.24
N PRO B 50 -19.03 1.03 23.92
CA PRO B 50 -19.21 2.09 22.92
C PRO B 50 -20.47 2.95 23.19
N CYS B 51 -21.50 2.37 23.82
CA CYS B 51 -22.74 3.08 24.21
C CYS B 51 -22.44 4.13 25.28
N GLU B 52 -21.66 3.75 26.30
CA GLU B 52 -21.18 4.66 27.39
C GLU B 52 -20.33 5.78 26.78
N MET B 53 -19.49 5.46 25.78
CA MET B 53 -18.53 6.40 25.16
C MET B 53 -19.22 7.22 24.06
N GLY B 54 -20.45 6.85 23.66
CA GLY B 54 -21.28 7.62 22.71
C GLY B 54 -20.73 7.56 21.29
N VAL B 55 -20.23 6.39 20.88
CA VAL B 55 -19.60 6.15 19.55
C VAL B 55 -20.29 4.96 18.88
N TYR B 56 -20.01 4.74 17.59
CA TYR B 56 -20.65 3.70 16.73
C TYR B 56 -20.78 2.40 17.52
N PRO B 57 -21.95 1.71 17.50
CA PRO B 57 -23.13 2.15 16.76
C PRO B 57 -24.09 3.10 17.50
N PHE B 58 -23.60 3.82 18.51
CA PHE B 58 -24.44 4.60 19.47
C PHE B 58 -24.17 6.10 19.35
N MET B 59 -23.74 6.56 18.16
CA MET B 59 -23.57 8.02 17.89
C MET B 59 -24.93 8.72 18.14
N PHE B 60 -24.89 9.93 18.72
CA PHE B 60 -26.06 10.77 19.10
C PHE B 60 -26.85 10.13 20.26
N GLY B 61 -26.37 9.01 20.81
CA GLY B 61 -27.10 8.19 21.79
C GLY B 61 -26.71 8.53 23.22
N SER B 62 -27.42 7.96 24.19
CA SER B 62 -27.15 8.08 25.65
C SER B 62 -27.29 6.71 26.30
N ILE B 63 -26.32 6.34 27.14
CA ILE B 63 -26.36 5.09 27.96
C ILE B 63 -27.62 5.09 28.83
N LYS B 64 -28.08 6.29 29.25
CA LYS B 64 -29.31 6.49 30.08
C LYS B 64 -30.54 5.95 29.34
N ASP B 65 -30.53 5.97 28.00
CA ASP B 65 -31.64 5.50 27.14
C ASP B 65 -31.53 3.99 26.93
N PHE B 66 -30.33 3.50 26.61
CA PHE B 66 -30.09 2.10 26.12
C PHE B 66 -29.99 1.12 27.29
N GLU B 67 -29.49 1.55 28.46
CA GLU B 67 -29.29 0.69 29.65
C GLU B 67 -30.64 0.11 30.08
N PRO B 68 -31.69 0.93 30.34
CA PRO B 68 -33.00 0.40 30.75
C PRO B 68 -33.58 -0.57 29.70
N VAL B 69 -33.36 -0.30 28.41
CA VAL B 69 -33.82 -1.16 27.27
C VAL B 69 -33.07 -2.49 27.33
N ALA B 70 -31.73 -2.44 27.42
CA ALA B 70 -30.83 -3.62 27.49
C ALA B 70 -31.29 -4.57 28.61
N GLN B 71 -31.64 -4.03 29.78
CA GLN B 71 -32.05 -4.79 30.98
C GLN B 71 -33.38 -5.52 30.71
N GLU B 72 -34.32 -4.84 30.03
CA GLU B 72 -35.65 -5.42 29.67
C GLU B 72 -35.44 -6.55 28.66
N ILE B 73 -34.47 -6.40 27.74
CA ILE B 73 -34.14 -7.42 26.69
C ILE B 73 -33.49 -8.64 27.36
N ILE B 74 -32.55 -8.41 28.28
CA ILE B 74 -31.85 -9.48 29.06
C ILE B 74 -32.88 -10.24 29.89
N LYS B 75 -33.80 -9.51 30.54
CA LYS B 75 -34.90 -10.08 31.38
C LYS B 75 -35.75 -11.06 30.56
N LYS B 76 -35.97 -10.78 29.27
CA LYS B 76 -36.74 -11.67 28.35
C LYS B 76 -35.84 -12.81 27.85
N GLY B 77 -34.51 -12.66 27.94
CA GLY B 77 -33.52 -13.70 27.58
C GLY B 77 -33.38 -13.88 26.08
N LEU B 78 -33.62 -12.83 25.28
CA LEU B 78 -33.56 -12.88 23.80
C LEU B 78 -32.13 -13.24 23.36
N LYS B 79 -32.00 -14.03 22.28
CA LYS B 79 -30.72 -14.52 21.71
C LYS B 79 -30.94 -14.98 20.27
N GLU B 80 -29.84 -15.21 19.54
CA GLU B 80 -29.85 -15.80 18.16
C GLU B 80 -30.49 -17.18 18.22
N PRO B 81 -31.41 -17.54 17.30
CA PRO B 81 -31.91 -16.62 16.26
C PRO B 81 -33.01 -15.68 16.78
N TYR B 82 -32.86 -14.38 16.54
CA TYR B 82 -33.77 -13.32 17.07
C TYR B 82 -35.08 -13.33 16.28
N ASP B 83 -36.18 -12.96 16.96
CA ASP B 83 -37.45 -12.52 16.32
C ASP B 83 -37.36 -11.00 16.19
N TRP B 84 -37.17 -10.51 14.97
CA TRP B 84 -36.80 -9.09 14.73
C TRP B 84 -37.96 -8.17 15.12
N ASP B 85 -39.22 -8.61 14.94
CA ASP B 85 -40.42 -7.86 15.38
C ASP B 85 -40.41 -7.75 16.91
N GLU B 86 -40.23 -8.88 17.60
CA GLU B 86 -40.09 -8.94 19.08
C GLU B 86 -38.91 -8.07 19.50
N TYR B 87 -37.76 -8.24 18.83
CA TYR B 87 -36.48 -7.54 19.13
C TYR B 87 -36.68 -6.02 19.03
N ALA B 88 -37.17 -5.55 17.87
CA ALA B 88 -37.35 -4.12 17.54
C ALA B 88 -38.30 -3.46 18.54
N GLN B 89 -39.40 -4.15 18.90
CA GLN B 89 -40.49 -3.62 19.77
C GLN B 89 -39.91 -3.20 21.13
N MET B 90 -38.85 -3.86 21.59
CA MET B 90 -38.23 -3.61 22.93
C MET B 90 -37.71 -2.18 23.03
N TYR B 91 -37.34 -1.57 21.89
CA TYR B 91 -36.72 -0.22 21.80
C TYR B 91 -37.77 0.88 21.66
N PHE B 92 -39.01 0.54 21.27
CA PHE B 92 -40.01 1.54 20.79
C PHE B 92 -40.50 2.42 21.94
N PRO B 93 -40.88 1.86 23.11
CA PRO B 93 -41.29 2.71 24.25
C PRO B 93 -40.28 3.82 24.54
N LYS B 94 -38.98 3.48 24.58
CA LYS B 94 -37.88 4.43 24.89
C LYS B 94 -37.73 5.42 23.73
N ALA B 95 -37.78 4.95 22.48
CA ALA B 95 -37.68 5.78 21.26
C ALA B 95 -38.80 6.82 21.26
N GLU B 96 -40.03 6.39 21.57
CA GLU B 96 -41.25 7.26 21.58
C GLU B 96 -41.16 8.28 22.72
N GLU B 97 -40.67 7.86 23.89
CA GLU B 97 -40.48 8.71 25.10
C GLU B 97 -39.56 9.88 24.76
N LEU B 98 -38.42 9.61 24.11
CA LEU B 98 -37.41 10.63 23.74
C LEU B 98 -37.99 11.58 22.68
N ALA B 99 -38.68 11.04 21.67
CA ALA B 99 -39.37 11.81 20.62
C ALA B 99 -40.39 12.76 21.27
N LYS B 100 -41.10 12.27 22.29
CA LYS B 100 -42.13 13.03 23.04
C LYS B 100 -41.47 14.22 23.75
N ILE B 101 -40.32 14.00 24.42
CA ILE B 101 -39.55 15.06 25.13
C ILE B 101 -39.12 16.11 24.11
N ALA B 102 -38.70 15.68 22.91
CA ALA B 102 -38.23 16.55 21.81
C ALA B 102 -39.35 17.49 21.36
N GLU B 103 -40.57 16.96 21.19
CA GLU B 103 -41.77 17.73 20.74
C GLU B 103 -42.09 18.82 21.78
N GLU B 104 -42.03 18.47 23.06
CA GLU B 104 -42.30 19.38 24.21
C GLU B 104 -41.22 20.47 24.27
N ALA B 105 -39.95 20.09 24.12
CA ALA B 105 -38.79 21.01 24.10
C ALA B 105 -38.95 22.02 22.96
N GLU B 106 -39.23 21.52 21.75
CA GLU B 106 -39.44 22.36 20.54
C GLU B 106 -40.59 23.33 20.81
N ALA B 107 -41.68 22.84 21.40
CA ALA B 107 -42.89 23.63 21.75
C ALA B 107 -42.53 24.72 22.77
N ALA B 108 -41.57 24.44 23.67
CA ALA B 108 -41.11 25.38 24.73
C ALA B 108 -40.15 26.43 24.14
N GLY B 109 -39.67 26.23 22.91
CA GLY B 109 -38.69 27.11 22.24
C GLY B 109 -37.27 26.73 22.59
N GLU B 110 -37.05 25.51 23.11
CA GLU B 110 -35.73 24.97 23.52
C GLU B 110 -35.12 24.22 22.34
N LYS B 111 -34.51 24.95 21.39
CA LYS B 111 -33.98 24.41 20.10
C LYS B 111 -32.94 23.32 20.37
N GLU B 112 -31.93 23.61 21.20
CA GLU B 112 -30.76 22.73 21.47
C GLU B 112 -31.23 21.43 22.13
N LYS B 113 -32.07 21.52 23.17
CA LYS B 113 -32.62 20.32 23.89
C LYS B 113 -33.43 19.46 22.90
N ALA B 114 -34.33 20.09 22.13
CA ALA B 114 -35.19 19.42 21.13
C ALA B 114 -34.32 18.64 20.15
N SER B 115 -33.28 19.28 19.61
CA SER B 115 -32.32 18.66 18.66
C SER B 115 -31.72 17.39 19.29
N GLU B 116 -31.26 17.49 20.54
CA GLU B 116 -30.59 16.38 21.27
C GLU B 116 -31.53 15.17 21.38
N TYR B 117 -32.77 15.38 21.82
CA TYR B 117 -33.73 14.29 22.13
C TYR B 117 -34.29 13.69 20.84
N TYR B 118 -34.45 14.48 19.78
CA TYR B 118 -34.80 13.96 18.43
C TYR B 118 -33.71 12.99 17.96
N LEU B 119 -32.45 13.36 18.15
CA LEU B 119 -31.29 12.55 17.71
C LEU B 119 -31.12 11.32 18.62
N ARG B 120 -31.32 11.47 19.93
CA ARG B 120 -31.30 10.35 20.90
C ARG B 120 -32.39 9.33 20.50
N SER B 121 -33.59 9.83 20.18
CA SER B 121 -34.73 9.00 19.66
C SER B 121 -34.27 8.24 18.40
N SER B 122 -33.66 8.97 17.45
CA SER B 122 -33.16 8.40 16.16
C SER B 122 -32.21 7.23 16.45
N ALA B 123 -31.34 7.34 17.45
CA ALA B 123 -30.34 6.32 17.82
C ALA B 123 -31.03 5.05 18.33
N VAL B 124 -32.11 5.19 19.11
CA VAL B 124 -32.84 4.03 19.71
C VAL B 124 -33.59 3.29 18.59
N TYR B 125 -34.29 4.02 17.71
CA TYR B 125 -34.92 3.44 16.48
C TYR B 125 -33.84 2.71 15.67
N ARG B 126 -32.68 3.35 15.48
CA ARG B 126 -31.53 2.82 14.70
C ARG B 126 -31.21 1.38 15.16
N ILE B 127 -30.88 1.20 16.45
CA ILE B 127 -30.38 -0.10 16.98
C ILE B 127 -31.51 -1.13 16.88
N SER B 128 -32.77 -0.69 16.98
CA SER B 128 -33.96 -1.56 16.87
C SER B 128 -34.04 -2.21 15.48
N ARG B 129 -33.44 -1.62 14.44
CA ARG B 129 -33.45 -2.17 13.06
C ARG B 129 -32.04 -2.58 12.61
N PHE B 130 -31.07 -2.61 13.52
CA PHE B 130 -29.78 -3.33 13.33
C PHE B 130 -30.08 -4.84 13.29
N PRO B 131 -29.31 -5.65 12.53
CA PRO B 131 -28.23 -5.18 11.67
C PRO B 131 -28.71 -4.55 10.35
N THR B 132 -29.85 -5.01 9.84
CA THR B 132 -30.54 -4.42 8.67
C THR B 132 -32.03 -4.77 8.74
N PRO B 133 -32.95 -3.88 8.28
CA PRO B 133 -34.38 -4.15 8.39
C PRO B 133 -34.79 -5.44 7.66
N ARG B 134 -35.20 -6.47 8.40
CA ARG B 134 -35.60 -7.78 7.83
C ARG B 134 -37.00 -8.17 8.34
N SER B 135 -37.75 -7.24 8.93
CA SER B 135 -39.15 -7.46 9.41
C SER B 135 -39.92 -6.14 9.32
N GLU B 136 -41.24 -6.18 9.49
CA GLU B 136 -42.12 -4.99 9.33
C GLU B 136 -41.75 -3.95 10.39
N LYS B 137 -41.57 -4.34 11.66
CA LYS B 137 -41.28 -3.41 12.77
C LYS B 137 -39.90 -2.76 12.55
N GLN B 138 -38.94 -3.48 11.98
CA GLN B 138 -37.58 -2.95 11.69
C GLN B 138 -37.66 -1.94 10.51
N LYS B 139 -38.48 -2.23 9.49
CA LYS B 139 -38.71 -1.29 8.36
C LYS B 139 -39.41 -0.04 8.89
N TYR B 140 -40.36 -0.21 9.83
CA TYR B 140 -41.06 0.89 10.53
C TYR B 140 -40.02 1.75 11.28
N ALA B 141 -39.12 1.10 12.02
CA ALA B 141 -38.04 1.77 12.81
C ALA B 141 -37.12 2.57 11.90
N TRP B 142 -36.82 2.06 10.71
CA TRP B 142 -36.05 2.81 9.68
C TRP B 142 -36.80 4.11 9.36
N ARG B 143 -38.09 4.04 9.02
CA ARG B 143 -38.92 5.21 8.66
C ARG B 143 -38.96 6.19 9.84
N LYS B 144 -39.31 5.69 11.03
CA LYS B 144 -39.43 6.50 12.28
C LYS B 144 -38.07 7.11 12.65
N GLY B 145 -36.99 6.33 12.57
CA GLY B 145 -35.62 6.77 12.86
C GLY B 145 -35.23 7.96 11.99
N CYS B 146 -35.46 7.85 10.68
CA CYS B 146 -35.20 8.92 9.68
C CYS B 146 -35.99 10.17 10.02
N GLU B 147 -37.29 10.02 10.35
CA GLU B 147 -38.20 11.14 10.66
C GLU B 147 -37.62 11.96 11.81
N VAL B 148 -37.28 11.32 12.93
CA VAL B 148 -36.80 12.02 14.16
C VAL B 148 -35.37 12.52 13.92
N PHE B 149 -34.54 11.77 13.20
CA PHE B 149 -33.16 12.21 12.84
C PHE B 149 -33.23 13.58 12.16
N TYR B 150 -34.05 13.72 11.12
CA TYR B 150 -34.13 14.95 10.28
C TYR B 150 -34.77 16.09 11.08
N LYS B 151 -35.69 15.78 12.01
CA LYS B 151 -36.25 16.79 12.96
C LYS B 151 -35.11 17.35 13.82
N GLY B 152 -34.26 16.48 14.37
CA GLY B 152 -33.07 16.85 15.14
C GLY B 152 -32.06 17.63 14.30
N ALA B 153 -31.77 17.14 13.09
CA ALA B 153 -30.78 17.73 12.14
C ALA B 153 -31.19 19.15 11.74
N ALA B 154 -32.50 19.38 11.53
CA ALA B 154 -33.07 20.70 11.17
C ALA B 154 -32.81 21.72 12.28
N LEU B 155 -32.61 21.25 13.52
CA LEU B 155 -32.49 22.10 14.73
C LEU B 155 -31.02 22.18 15.19
N MET B 156 -30.08 21.62 14.42
CA MET B 156 -28.62 21.84 14.63
C MET B 156 -28.30 23.30 14.27
N GLU B 157 -27.29 23.89 14.91
CA GLU B 157 -26.83 25.27 14.62
C GLU B 157 -26.58 25.43 13.11
N TYR B 158 -25.91 24.44 12.50
CA TYR B 158 -25.74 24.31 11.03
C TYR B 158 -26.57 23.11 10.58
N PRO B 159 -27.83 23.34 10.15
CA PRO B 159 -28.75 22.24 9.87
C PRO B 159 -28.25 21.32 8.76
N ILE B 160 -28.29 20.00 8.99
CA ILE B 160 -28.08 18.96 7.95
C ILE B 160 -29.42 18.78 7.22
N LYS B 161 -29.40 18.85 5.89
CA LYS B 161 -30.62 18.72 5.04
C LYS B 161 -30.66 17.34 4.40
N GLU B 162 -31.86 16.83 4.15
CA GLU B 162 -32.09 15.73 3.18
C GLU B 162 -32.17 16.35 1.77
N VAL B 163 -31.49 15.74 0.80
CA VAL B 163 -31.71 16.02 -0.65
C VAL B 163 -32.13 14.71 -1.31
N ARG B 164 -33.25 14.72 -2.02
CA ARG B 164 -33.72 13.59 -2.85
C ARG B 164 -33.17 13.81 -4.27
N ILE B 165 -31.95 13.31 -4.50
CA ILE B 165 -31.22 13.45 -5.80
C ILE B 165 -31.96 12.62 -6.84
N PRO B 166 -32.41 13.22 -7.97
CA PRO B 166 -33.07 12.45 -9.03
C PRO B 166 -32.14 11.36 -9.56
N HIS B 167 -32.59 10.11 -9.58
CA HIS B 167 -31.82 8.95 -10.10
C HIS B 167 -32.03 8.83 -11.61
N LYS B 168 -31.50 9.79 -12.37
CA LYS B 168 -31.70 9.92 -13.84
C LYS B 168 -31.04 8.74 -14.56
N HIS B 169 -30.04 8.09 -13.95
CA HIS B 169 -29.33 6.91 -14.53
C HIS B 169 -30.02 5.61 -14.14
N GLY B 170 -31.11 5.67 -13.37
CA GLY B 170 -31.86 4.48 -12.92
C GLY B 170 -32.46 3.71 -14.09
N ILE B 171 -32.54 2.37 -13.96
CA ILE B 171 -33.20 1.48 -14.96
C ILE B 171 -34.44 0.86 -14.30
N GLU B 172 -35.15 -0.02 -15.02
CA GLU B 172 -36.42 -0.63 -14.56
C GLU B 172 -36.18 -1.34 -13.22
N GLY B 173 -37.09 -1.12 -12.26
CA GLY B 173 -37.03 -1.73 -10.92
C GLY B 173 -36.34 -0.84 -9.89
N GLU B 174 -35.70 0.24 -10.33
CA GLU B 174 -34.92 1.12 -9.41
C GLU B 174 -35.79 2.29 -8.98
N GLY B 175 -35.56 2.80 -7.76
CA GLY B 175 -36.21 4.01 -7.22
C GLY B 175 -35.88 5.23 -8.06
N ASP B 176 -36.70 6.28 -7.95
CA ASP B 176 -36.55 7.53 -8.76
C ASP B 176 -35.60 8.52 -8.07
N VAL B 177 -35.21 8.31 -6.79
CA VAL B 177 -34.32 9.26 -6.06
C VAL B 177 -33.24 8.51 -5.27
N VAL B 178 -32.11 9.19 -5.06
CA VAL B 178 -31.04 8.82 -4.10
C VAL B 178 -31.12 9.81 -2.93
N PRO B 179 -31.80 9.47 -1.81
CA PRO B 179 -31.84 10.38 -0.66
C PRO B 179 -30.47 10.45 0.01
N VAL B 180 -29.95 11.67 0.23
CA VAL B 180 -28.62 11.91 0.85
C VAL B 180 -28.76 12.98 1.94
N ASN B 181 -27.84 12.98 2.92
CA ASN B 181 -27.59 14.15 3.80
C ASN B 181 -26.73 15.15 3.03
N PHE B 182 -26.92 16.44 3.27
CA PHE B 182 -26.11 17.53 2.68
C PHE B 182 -25.85 18.58 3.76
N LEU B 183 -24.58 18.99 3.89
CA LEU B 183 -24.18 20.13 4.75
C LEU B 183 -23.08 20.92 4.04
N LEU B 184 -23.27 22.23 3.94
CA LEU B 184 -22.24 23.17 3.43
C LEU B 184 -21.68 23.94 4.62
N PRO B 185 -20.37 24.29 4.60
CA PRO B 185 -19.87 25.27 5.55
C PRO B 185 -20.44 26.64 5.21
N PRO B 186 -20.50 27.58 6.19
CA PRO B 186 -21.04 28.90 5.94
C PRO B 186 -20.21 29.76 4.98
N ASN B 187 -18.94 29.40 4.72
CA ASN B 187 -18.04 30.15 3.79
C ASN B 187 -18.28 29.72 2.33
N ALA B 188 -19.13 28.71 2.10
CA ALA B 188 -19.35 28.10 0.77
C ALA B 188 -20.34 28.93 -0.06
N SER B 189 -19.95 29.30 -1.28
CA SER B 189 -20.84 29.94 -2.29
C SER B 189 -20.33 29.65 -3.70
N GLU B 190 -21.10 30.06 -4.70
CA GLU B 190 -20.80 29.96 -6.15
C GLU B 190 -19.47 30.66 -6.49
N THR B 191 -19.04 31.66 -5.71
CA THR B 191 -17.75 32.39 -5.91
C THR B 191 -16.72 32.00 -4.86
N SER B 192 -17.07 31.09 -3.93
CA SER B 192 -16.15 30.53 -2.89
C SER B 192 -16.45 29.04 -2.72
N PRO B 193 -16.28 28.22 -3.78
CA PRO B 193 -16.65 26.81 -3.70
C PRO B 193 -15.70 26.05 -2.76
N VAL B 194 -16.16 24.94 -2.21
CA VAL B 194 -15.41 24.17 -1.17
C VAL B 194 -15.27 22.72 -1.60
N PRO B 195 -14.26 21.99 -1.07
CA PRO B 195 -14.15 20.56 -1.27
C PRO B 195 -15.39 19.85 -0.69
N CYS B 196 -15.64 18.63 -1.12
CA CYS B 196 -16.77 17.79 -0.64
C CYS B 196 -16.25 16.40 -0.28
N VAL B 197 -16.56 15.91 0.92
CA VAL B 197 -16.35 14.49 1.28
C VAL B 197 -17.69 13.76 1.08
N LEU B 198 -17.73 12.88 0.07
CA LEU B 198 -18.89 11.99 -0.19
C LEU B 198 -18.71 10.74 0.68
N ILE B 199 -19.47 10.65 1.76
CA ILE B 199 -19.39 9.50 2.70
C ILE B 199 -20.33 8.40 2.19
N ILE B 200 -19.78 7.22 1.97
CA ILE B 200 -20.53 6.01 1.57
C ILE B 200 -20.65 5.10 2.79
N THR B 201 -21.90 4.84 3.22
CA THR B 201 -22.24 4.19 4.50
C THR B 201 -22.10 2.68 4.32
N GLY B 202 -22.41 1.89 5.35
CA GLY B 202 -22.07 0.45 5.41
C GLY B 202 -23.30 -0.44 5.43
N LEU B 203 -23.13 -1.63 6.00
CA LEU B 203 -24.17 -2.70 6.03
C LEU B 203 -25.26 -2.33 7.04
N ASP B 204 -24.92 -1.66 8.15
CA ASP B 204 -25.85 -1.38 9.28
C ASP B 204 -25.95 0.12 9.56
N GLY B 205 -24.83 0.84 9.49
CA GLY B 205 -24.78 2.31 9.64
C GLY B 205 -25.13 3.00 8.34
N TYR B 206 -26.22 3.77 8.32
CA TYR B 206 -26.75 4.46 7.10
C TYR B 206 -26.54 5.96 7.27
N ARG B 207 -27.18 6.80 6.47
CA ARG B 207 -26.88 8.25 6.43
C ARG B 207 -27.25 8.90 7.77
N THR B 208 -28.19 8.32 8.53
CA THR B 208 -28.60 8.81 9.87
C THR B 208 -27.51 8.51 10.92
N GLU B 209 -26.56 7.62 10.62
CA GLU B 209 -25.44 7.24 11.51
C GLU B 209 -24.19 8.05 11.17
N LEU B 210 -23.73 7.98 9.92
CA LEU B 210 -22.46 8.61 9.48
C LEU B 210 -22.60 10.14 9.47
N ALA B 211 -23.83 10.66 9.61
CA ALA B 211 -24.15 12.07 9.87
C ALA B 211 -23.22 12.66 10.94
N VAL B 212 -22.77 11.83 11.88
CA VAL B 212 -21.92 12.24 13.05
C VAL B 212 -20.65 12.95 12.56
N TRP B 213 -20.20 12.68 11.33
CA TRP B 213 -18.94 13.25 10.73
C TRP B 213 -19.15 14.65 10.15
N GLN B 214 -20.39 15.07 9.89
CA GLN B 214 -20.68 16.22 8.99
C GLN B 214 -20.31 17.56 9.65
N GLN B 215 -20.60 17.75 10.94
CA GLN B 215 -20.29 19.02 11.67
C GLN B 215 -18.77 19.21 11.73
N GLY B 216 -18.01 18.13 11.95
CA GLY B 216 -16.54 18.15 11.91
C GLY B 216 -16.02 18.70 10.59
N TRP B 217 -16.47 18.13 9.48
CA TRP B 217 -16.06 18.56 8.12
C TRP B 217 -16.49 20.01 7.88
N ARG B 218 -17.72 20.35 8.24
CA ARG B 218 -18.25 21.74 8.16
C ARG B 218 -17.25 22.69 8.84
N SER B 219 -16.75 22.34 10.03
CA SER B 219 -15.85 23.20 10.85
C SER B 219 -14.50 23.40 10.14
N LYS B 220 -14.13 22.53 9.20
CA LYS B 220 -12.86 22.61 8.41
C LYS B 220 -13.10 23.24 7.03
N GLY B 221 -14.30 23.78 6.77
CA GLY B 221 -14.67 24.38 5.47
C GLY B 221 -14.90 23.33 4.40
N VAL B 222 -15.44 22.17 4.78
CA VAL B 222 -15.63 21.01 3.87
C VAL B 222 -17.11 20.60 3.88
N ALA B 223 -17.70 20.54 2.67
CA ALA B 223 -19.07 20.05 2.43
C ALA B 223 -19.10 18.53 2.62
N THR B 224 -20.25 17.98 2.99
CA THR B 224 -20.50 16.53 3.06
C THR B 224 -21.81 16.17 2.35
N VAL B 225 -21.76 15.08 1.59
CA VAL B 225 -22.92 14.35 1.03
C VAL B 225 -22.81 12.91 1.56
N ILE B 226 -23.89 12.38 2.11
CA ILE B 226 -23.89 11.00 2.69
C ILE B 226 -24.95 10.16 1.96
N ALA B 227 -24.53 9.04 1.38
CA ALA B 227 -25.36 8.11 0.57
C ALA B 227 -25.16 6.67 1.04
N GLU B 228 -26.21 5.85 0.90
CA GLU B 228 -26.24 4.42 1.30
C GLU B 228 -25.88 3.55 0.09
N ILE B 229 -25.30 2.38 0.36
CA ILE B 229 -24.95 1.37 -0.67
C ILE B 229 -26.22 0.63 -1.09
N PRO B 230 -26.26 0.06 -2.31
CA PRO B 230 -27.37 -0.77 -2.75
C PRO B 230 -27.87 -1.73 -1.66
N GLY B 231 -29.19 -1.85 -1.53
CA GLY B 231 -29.85 -2.82 -0.63
C GLY B 231 -29.76 -2.41 0.83
N THR B 232 -29.56 -1.12 1.11
CA THR B 232 -29.55 -0.55 2.49
C THR B 232 -30.27 0.80 2.49
N GLY B 233 -30.77 1.21 3.65
CA GLY B 233 -31.50 2.48 3.86
C GLY B 233 -32.47 2.74 2.73
N ASP B 234 -32.28 3.84 1.99
CA ASP B 234 -33.20 4.29 0.91
C ASP B 234 -32.50 4.25 -0.46
N SER B 235 -31.42 3.48 -0.62
CA SER B 235 -30.75 3.30 -1.94
C SER B 235 -31.78 2.79 -2.95
N PRO B 236 -31.90 3.43 -4.13
CA PRO B 236 -32.83 2.98 -5.16
C PRO B 236 -32.29 1.84 -6.03
N ALA B 237 -31.05 1.41 -5.80
CA ALA B 237 -30.27 0.51 -6.69
C ALA B 237 -30.78 -0.94 -6.59
N LEU B 238 -30.78 -1.67 -7.71
CA LEU B 238 -31.03 -3.13 -7.77
C LEU B 238 -30.01 -3.85 -6.88
N ARG B 239 -30.46 -4.75 -6.01
CA ARG B 239 -29.61 -5.44 -5.01
C ARG B 239 -28.67 -6.43 -5.71
N GLN B 240 -29.17 -7.20 -6.68
CA GLN B 240 -28.45 -8.37 -7.27
C GLN B 240 -27.54 -7.96 -8.43
N ASP B 241 -27.68 -6.73 -8.93
CA ASP B 241 -26.96 -6.24 -10.14
C ASP B 241 -25.66 -5.57 -9.69
N PRO B 242 -24.48 -6.14 -10.04
CA PRO B 242 -23.20 -5.54 -9.65
C PRO B 242 -22.95 -4.13 -10.21
N THR B 243 -23.64 -3.75 -11.30
CA THR B 243 -23.47 -2.45 -11.99
C THR B 243 -24.41 -1.39 -11.40
N SER B 244 -25.32 -1.78 -10.49
CA SER B 244 -26.33 -0.86 -9.89
C SER B 244 -25.67 0.30 -9.16
N PRO B 245 -24.59 0.11 -8.36
CA PRO B 245 -23.91 1.24 -7.72
C PRO B 245 -23.32 2.24 -8.71
N ASP B 246 -22.88 1.75 -9.87
CA ASP B 246 -22.28 2.57 -10.96
C ASP B 246 -23.30 3.63 -11.41
N ARG B 247 -24.56 3.23 -11.63
CA ARG B 247 -25.66 4.14 -12.04
C ARG B 247 -25.93 5.13 -10.91
N GLN B 248 -25.98 4.65 -9.67
CA GLN B 248 -26.28 5.47 -8.47
C GLN B 248 -25.25 6.61 -8.36
N TRP B 249 -23.96 6.30 -8.47
CA TRP B 249 -22.87 7.31 -8.33
C TRP B 249 -22.90 8.29 -9.50
N SER B 250 -23.25 7.86 -10.72
CA SER B 250 -23.47 8.75 -11.89
C SER B 250 -24.55 9.79 -11.52
N SER B 251 -25.66 9.36 -10.92
CA SER B 251 -26.75 10.28 -10.50
C SER B 251 -26.24 11.23 -9.39
N VAL B 252 -25.53 10.70 -8.40
CA VAL B 252 -25.06 11.49 -7.22
C VAL B 252 -24.04 12.54 -7.69
N LEU B 253 -23.07 12.12 -8.51
CA LEU B 253 -21.98 13.01 -8.97
C LEU B 253 -22.54 14.05 -9.95
N ASP B 254 -23.53 13.68 -10.78
CA ASP B 254 -24.27 14.66 -11.63
C ASP B 254 -24.82 15.76 -10.72
N TRP B 255 -25.45 15.38 -9.60
CA TRP B 255 -26.05 16.35 -8.64
C TRP B 255 -24.97 17.21 -7.98
N ILE B 256 -23.92 16.60 -7.43
CA ILE B 256 -22.84 17.36 -6.73
C ILE B 256 -22.25 18.38 -7.71
N GLU B 257 -22.00 17.95 -8.94
CA GLU B 257 -21.38 18.79 -10.02
C GLU B 257 -22.30 19.97 -10.36
N SER B 258 -23.61 19.85 -10.12
CA SER B 258 -24.60 20.94 -10.34
C SER B 258 -24.59 21.96 -9.19
N GLN B 259 -24.04 21.60 -8.02
CA GLN B 259 -23.95 22.50 -6.84
C GLN B 259 -22.72 23.38 -7.00
N LYS B 260 -22.92 24.66 -7.35
CA LYS B 260 -21.82 25.63 -7.67
C LYS B 260 -20.98 25.92 -6.42
N ALA B 261 -21.53 25.72 -5.22
CA ALA B 261 -20.82 25.93 -3.93
C ALA B 261 -19.83 24.80 -3.67
N VAL B 262 -19.90 23.70 -4.42
CA VAL B 262 -18.94 22.57 -4.30
C VAL B 262 -17.94 22.64 -5.46
N ASP B 263 -16.66 22.54 -5.14
CA ASP B 263 -15.56 22.42 -6.14
C ASP B 263 -15.55 20.97 -6.64
N SER B 264 -16.07 20.72 -7.83
CA SER B 264 -16.23 19.37 -8.44
C SER B 264 -14.85 18.72 -8.70
N LYS B 265 -13.77 19.48 -8.64
CA LYS B 265 -12.38 18.95 -8.78
C LYS B 265 -11.84 18.49 -7.42
N LYS B 266 -12.61 18.64 -6.33
CA LYS B 266 -12.16 18.27 -4.96
C LYS B 266 -13.24 17.42 -4.26
N ILE B 267 -13.74 16.40 -4.94
CA ILE B 267 -14.68 15.40 -4.37
C ILE B 267 -13.85 14.19 -3.93
N VAL B 268 -13.88 13.91 -2.62
CA VAL B 268 -13.23 12.73 -1.98
C VAL B 268 -14.34 11.79 -1.49
N ALA B 269 -14.33 10.55 -1.97
CA ALA B 269 -15.31 9.51 -1.55
C ALA B 269 -14.68 8.68 -0.43
N TRP B 270 -15.31 8.64 0.74
CA TRP B 270 -14.85 7.83 1.90
C TRP B 270 -15.90 6.78 2.23
N GLY B 271 -15.61 5.53 1.86
CA GLY B 271 -16.42 4.34 2.17
C GLY B 271 -16.08 3.75 3.53
N PHE B 272 -17.09 3.60 4.39
CA PHE B 272 -16.98 2.99 5.74
C PHE B 272 -17.47 1.54 5.65
N SER B 273 -16.63 0.60 6.09
CA SER B 273 -16.95 -0.84 6.18
C SER B 273 -17.37 -1.34 4.79
N THR B 274 -18.54 -1.96 4.65
CA THR B 274 -19.04 -2.41 3.31
C THR B 274 -18.98 -1.24 2.31
N GLY B 275 -19.13 0.00 2.77
CA GLY B 275 -18.97 1.21 1.94
C GLY B 275 -17.62 1.26 1.25
N GLY B 276 -16.58 0.71 1.88
CA GLY B 276 -15.20 0.65 1.33
C GLY B 276 -15.13 -0.06 -0.01
N TYR B 277 -15.90 -1.15 -0.20
CA TYR B 277 -16.00 -1.88 -1.49
C TYR B 277 -16.44 -0.90 -2.58
N TYR B 278 -17.45 -0.06 -2.29
CA TYR B 278 -18.07 0.87 -3.27
C TYR B 278 -17.11 2.04 -3.55
N ALA B 279 -16.40 2.53 -2.53
CA ALA B 279 -15.37 3.59 -2.66
C ALA B 279 -14.25 3.11 -3.59
N LEU B 280 -13.78 1.87 -3.39
CA LEU B 280 -12.72 1.24 -4.21
C LEU B 280 -13.23 1.07 -5.64
N ARG B 281 -14.45 0.55 -5.81
CA ARG B 281 -15.08 0.30 -7.12
C ARG B 281 -15.18 1.62 -7.90
N MET B 282 -15.71 2.67 -7.28
CA MET B 282 -16.02 3.95 -7.99
C MET B 282 -14.74 4.73 -8.29
N ALA B 283 -13.61 4.44 -7.62
CA ALA B 283 -12.29 5.01 -7.97
C ALA B 283 -11.93 4.65 -9.41
N HIS B 284 -12.46 3.53 -9.91
CA HIS B 284 -12.27 3.01 -11.28
C HIS B 284 -13.40 3.50 -12.19
N THR B 285 -14.65 3.26 -11.80
CA THR B 285 -15.85 3.52 -12.63
C THR B 285 -16.03 5.02 -12.85
N HIS B 286 -15.67 5.85 -11.87
CA HIS B 286 -15.87 7.33 -11.91
C HIS B 286 -14.53 8.06 -11.67
N LYS B 287 -13.43 7.46 -12.13
CA LYS B 287 -12.04 7.96 -11.93
C LYS B 287 -11.97 9.46 -12.20
N ASP B 288 -12.50 9.90 -13.34
CA ASP B 288 -12.31 11.26 -13.89
C ASP B 288 -13.14 12.29 -13.09
N ARG B 289 -13.99 11.84 -12.17
CA ARG B 289 -14.94 12.72 -11.44
C ARG B 289 -14.59 12.80 -9.94
N LEU B 290 -13.57 12.06 -9.49
CA LEU B 290 -13.17 11.98 -8.06
C LEU B 290 -11.69 12.31 -7.90
N LEU B 291 -11.37 13.19 -6.93
CA LEU B 291 -9.98 13.54 -6.55
C LEU B 291 -9.31 12.32 -5.90
N ALA B 292 -10.07 11.59 -5.08
CA ALA B 292 -9.57 10.45 -4.28
C ALA B 292 -10.75 9.63 -3.76
N THR B 293 -10.52 8.35 -3.50
CA THR B 293 -11.44 7.49 -2.73
C THR B 293 -10.66 6.85 -1.59
N ILE B 294 -11.37 6.56 -0.50
CA ILE B 294 -10.83 5.90 0.73
C ILE B 294 -11.72 4.69 1.02
N SER B 295 -11.12 3.51 1.08
CA SER B 295 -11.75 2.26 1.60
C SER B 295 -11.26 2.02 3.03
N LEU B 296 -12.14 2.21 4.02
CA LEU B 296 -11.86 1.89 5.44
C LEU B 296 -12.63 0.61 5.81
N GLY B 297 -11.90 -0.49 5.99
CA GLY B 297 -12.47 -1.80 6.31
C GLY B 297 -13.40 -2.30 5.22
N GLY B 298 -13.11 -1.95 3.96
CA GLY B 298 -13.82 -2.50 2.79
C GLY B 298 -13.24 -3.84 2.37
N GLY B 299 -13.88 -4.50 1.41
CA GLY B 299 -13.37 -5.70 0.73
C GLY B 299 -13.40 -5.53 -0.77
N ALA B 300 -13.15 -6.60 -1.53
CA ALA B 300 -12.97 -6.54 -3.00
C ALA B 300 -13.28 -7.89 -3.68
N HIS B 301 -12.99 -9.02 -3.04
CA HIS B 301 -12.91 -10.34 -3.72
C HIS B 301 -13.19 -11.49 -2.76
N HIS B 302 -12.30 -11.72 -1.80
CA HIS B 302 -12.36 -12.85 -0.82
C HIS B 302 -13.52 -12.64 0.17
N MET B 303 -14.06 -11.43 0.28
CA MET B 303 -15.28 -11.15 1.09
C MET B 303 -16.47 -11.93 0.51
N PHE B 304 -16.39 -12.39 -0.74
CA PHE B 304 -17.46 -13.12 -1.46
C PHE B 304 -17.18 -14.64 -1.48
N ASP B 305 -16.09 -15.09 -0.86
CA ASP B 305 -15.66 -16.52 -0.83
C ASP B 305 -16.66 -17.35 -0.02
N ARG B 306 -16.93 -18.58 -0.47
CA ARG B 306 -17.71 -19.59 0.29
C ARG B 306 -17.08 -19.73 1.69
N GLU B 307 -15.77 -19.96 1.74
CA GLU B 307 -15.02 -20.24 2.99
C GLU B 307 -15.21 -19.06 3.96
N TRP B 308 -14.97 -17.84 3.50
CA TRP B 308 -15.07 -16.62 4.36
C TRP B 308 -16.50 -16.49 4.91
N LEU B 309 -17.49 -16.53 4.03
CA LEU B 309 -18.91 -16.25 4.36
C LEU B 309 -19.47 -17.35 5.27
N GLU B 310 -19.03 -18.60 5.08
CA GLU B 310 -19.50 -19.76 5.89
C GLU B 310 -18.96 -19.70 7.33
N HIS B 311 -18.04 -18.79 7.63
CA HIS B 311 -17.41 -18.63 8.99
C HIS B 311 -17.81 -17.30 9.64
N ALA B 312 -18.03 -16.23 8.87
CA ALA B 312 -18.15 -14.84 9.38
C ALA B 312 -19.41 -14.66 10.25
N ASN B 313 -20.45 -15.49 10.12
CA ASN B 313 -21.69 -15.37 10.94
C ASN B 313 -21.34 -15.45 12.44
N LYS B 314 -20.29 -16.19 12.82
CA LYS B 314 -19.96 -16.49 14.24
C LYS B 314 -18.80 -15.64 14.77
N LEU B 315 -18.28 -14.66 14.02
CA LEU B 315 -17.06 -13.90 14.42
C LEU B 315 -17.44 -12.52 14.95
N GLU B 316 -16.63 -11.48 14.71
CA GLU B 316 -16.66 -10.22 15.49
C GLU B 316 -17.97 -9.44 15.27
N TYR B 317 -18.59 -9.56 14.09
CA TYR B 317 -19.84 -8.81 13.76
C TYR B 317 -20.87 -9.10 14.85
N PRO B 318 -21.63 -8.08 15.33
CA PRO B 318 -22.54 -8.28 16.46
C PRO B 318 -23.63 -9.34 16.21
N PHE B 319 -24.13 -9.46 14.98
CA PHE B 319 -25.20 -10.41 14.58
C PHE B 319 -24.67 -11.38 13.52
N ASP B 320 -25.44 -11.63 12.45
CA ASP B 320 -25.14 -12.67 11.43
C ASP B 320 -24.69 -11.97 10.15
N LEU B 321 -23.40 -11.62 10.09
CA LEU B 321 -22.77 -10.79 9.02
C LEU B 321 -23.15 -11.33 7.64
N SER B 322 -22.87 -12.61 7.40
CA SER B 322 -22.97 -13.26 6.07
C SER B 322 -24.43 -13.28 5.60
N ASN B 323 -25.36 -13.62 6.49
CA ASN B 323 -26.82 -13.60 6.24
C ASN B 323 -27.27 -12.18 5.90
N THR B 324 -26.82 -11.20 6.70
CA THR B 324 -27.16 -9.75 6.55
C THR B 324 -26.62 -9.24 5.21
N LEU B 325 -25.43 -9.69 4.80
CA LEU B 325 -24.79 -9.32 3.53
C LEU B 325 -25.61 -9.94 2.37
N ALA B 326 -25.97 -11.22 2.48
CA ALA B 326 -26.78 -11.95 1.49
C ALA B 326 -28.10 -11.20 1.21
N TYR B 327 -28.79 -10.76 2.27
CA TYR B 327 -30.07 -10.00 2.19
C TYR B 327 -29.85 -8.68 1.47
N LYS B 328 -28.79 -7.95 1.85
CA LYS B 328 -28.41 -6.66 1.24
C LYS B 328 -28.15 -6.84 -0.26
N PHE B 329 -27.64 -8.00 -0.69
CA PHE B 329 -27.36 -8.31 -2.13
C PHE B 329 -28.59 -8.94 -2.79
N GLY B 330 -29.72 -9.00 -2.06
CA GLY B 330 -31.05 -9.36 -2.61
C GLY B 330 -31.27 -10.86 -2.68
N TYR B 331 -30.57 -11.65 -1.85
CA TYR B 331 -30.70 -13.13 -1.82
C TYR B 331 -31.45 -13.55 -0.56
N PRO B 332 -32.34 -14.55 -0.65
CA PRO B 332 -33.20 -14.95 0.47
C PRO B 332 -32.48 -15.73 1.57
N ASP B 333 -31.34 -16.34 1.25
CA ASP B 333 -30.54 -17.15 2.21
C ASP B 333 -29.06 -17.03 1.84
N LEU B 334 -28.18 -17.52 2.72
CA LEU B 334 -26.71 -17.43 2.53
C LEU B 334 -26.29 -18.29 1.34
N GLU B 335 -26.85 -19.49 1.19
CA GLU B 335 -26.44 -20.46 0.15
C GLU B 335 -26.67 -19.87 -1.25
N SER B 336 -27.83 -19.24 -1.48
CA SER B 336 -28.19 -18.65 -2.79
C SER B 336 -27.23 -17.51 -3.12
N PHE B 337 -26.86 -16.70 -2.12
CA PHE B 337 -25.87 -15.61 -2.26
C PHE B 337 -24.51 -16.20 -2.67
N ILE B 338 -24.03 -17.22 -1.94
CA ILE B 338 -22.70 -17.84 -2.17
C ILE B 338 -22.62 -18.40 -3.60
N GLU B 339 -23.72 -19.00 -4.10
CA GLU B 339 -23.79 -19.61 -5.46
C GLU B 339 -23.49 -18.56 -6.55
N GLU B 340 -23.81 -17.28 -6.32
CA GLU B 340 -23.68 -16.20 -7.33
C GLU B 340 -22.70 -15.10 -6.89
N SER B 341 -22.18 -15.15 -5.65
CA SER B 341 -21.46 -14.03 -4.98
C SER B 341 -20.21 -13.60 -5.77
N SER B 342 -19.61 -14.52 -6.55
CA SER B 342 -18.35 -14.29 -7.30
C SER B 342 -18.48 -13.13 -8.29
N LYS B 343 -19.69 -12.83 -8.78
CA LYS B 343 -19.92 -11.81 -9.83
C LYS B 343 -19.74 -10.39 -9.25
N PHE B 344 -19.74 -10.25 -7.92
CA PHE B 344 -19.57 -8.95 -7.21
C PHE B 344 -18.08 -8.63 -7.04
N SER B 345 -17.19 -9.60 -7.22
CA SER B 345 -15.72 -9.44 -7.09
C SER B 345 -15.21 -8.38 -8.06
N LEU B 346 -14.43 -7.41 -7.55
CA LEU B 346 -13.79 -6.36 -8.38
C LEU B 346 -12.61 -6.97 -9.16
N LEU B 347 -12.11 -8.14 -8.72
CA LEU B 347 -11.12 -8.93 -9.50
C LEU B 347 -11.83 -9.63 -10.66
N ASN B 348 -12.87 -10.43 -10.37
CA ASN B 348 -13.57 -11.30 -11.35
C ASN B 348 -14.24 -10.45 -12.44
N ASP B 349 -14.84 -9.30 -12.08
CA ASP B 349 -15.63 -8.48 -13.04
C ASP B 349 -14.71 -7.51 -13.80
N GLY B 350 -13.41 -7.50 -13.48
CA GLY B 350 -12.40 -6.77 -14.26
C GLY B 350 -12.20 -5.33 -13.79
N THR B 351 -12.93 -4.87 -12.78
CA THR B 351 -12.81 -3.48 -12.24
C THR B 351 -11.35 -3.16 -11.89
N LEU B 352 -10.63 -4.06 -11.24
CA LEU B 352 -9.28 -3.77 -10.66
C LEU B 352 -8.22 -3.67 -11.77
N GLN B 353 -8.51 -4.08 -13.00
CA GLN B 353 -7.58 -3.95 -14.15
C GLN B 353 -7.64 -2.51 -14.70
N LYS B 354 -8.73 -1.78 -14.42
CA LYS B 354 -8.95 -0.40 -14.94
C LYS B 354 -8.05 0.59 -14.22
N PRO B 355 -7.73 1.74 -14.85
CA PRO B 355 -7.07 2.84 -14.16
C PRO B 355 -7.99 3.31 -13.01
N CYS B 356 -7.39 3.79 -11.92
CA CYS B 356 -8.13 4.39 -10.78
C CYS B 356 -7.60 5.80 -10.50
N THR B 357 -8.43 6.63 -9.86
CA THR B 357 -7.99 7.89 -9.23
C THR B 357 -7.16 7.52 -7.99
N LYS B 358 -6.75 8.51 -7.19
CA LYS B 358 -5.99 8.29 -5.94
C LYS B 358 -6.85 7.40 -5.03
N VAL B 359 -6.29 6.29 -4.54
CA VAL B 359 -6.99 5.34 -3.62
C VAL B 359 -6.15 5.22 -2.35
N LEU B 360 -6.80 5.32 -1.18
CA LEU B 360 -6.20 4.99 0.14
C LEU B 360 -6.99 3.81 0.71
N LEU B 361 -6.30 2.73 1.04
CA LEU B 361 -6.84 1.51 1.68
C LEU B 361 -6.33 1.45 3.12
N VAL B 362 -7.24 1.36 4.09
CA VAL B 362 -6.89 1.26 5.53
C VAL B 362 -7.77 0.16 6.14
N ASN B 363 -7.18 -0.71 6.96
CA ASN B 363 -7.93 -1.77 7.67
C ASN B 363 -7.04 -2.41 8.74
N GLY B 364 -7.67 -2.97 9.77
CA GLY B 364 -7.02 -3.85 10.74
C GLY B 364 -6.71 -5.20 10.10
N ASN B 365 -5.50 -5.70 10.30
CA ASN B 365 -5.04 -7.02 9.76
C ASN B 365 -6.00 -8.13 10.21
N ASP B 366 -6.53 -8.05 11.42
CA ASP B 366 -7.24 -9.16 12.11
C ASP B 366 -8.75 -9.08 11.85
N ASP B 367 -9.17 -8.27 10.88
CA ASP B 367 -10.59 -8.07 10.48
C ASP B 367 -11.24 -9.44 10.22
N GLU B 368 -12.37 -9.72 10.88
CA GLU B 368 -13.17 -10.98 10.77
C GLU B 368 -14.52 -10.69 10.12
N ILE B 369 -14.71 -9.47 9.62
CA ILE B 369 -15.93 -9.05 8.84
C ILE B 369 -15.59 -9.16 7.35
N PHE B 370 -14.52 -8.50 6.91
CA PHE B 370 -13.92 -8.67 5.55
C PHE B 370 -12.43 -8.94 5.73
N PRO B 371 -11.81 -9.81 4.90
CA PRO B 371 -10.43 -10.23 5.12
C PRO B 371 -9.44 -9.14 4.66
N ILE B 372 -8.35 -8.97 5.41
CA ILE B 372 -7.19 -8.11 5.03
C ILE B 372 -6.61 -8.61 3.70
N ASP B 373 -6.80 -9.89 3.38
CA ASP B 373 -6.40 -10.50 2.08
C ASP B 373 -6.94 -9.68 0.90
N ASP B 374 -8.07 -9.00 1.07
CA ASP B 374 -8.69 -8.16 0.00
C ASP B 374 -7.88 -6.87 -0.19
N MET B 375 -7.18 -6.36 0.83
CA MET B 375 -6.22 -5.24 0.63
C MET B 375 -5.11 -5.74 -0.29
N PHE B 376 -4.67 -6.99 -0.11
CA PHE B 376 -3.61 -7.61 -0.94
C PHE B 376 -4.11 -7.72 -2.39
N VAL B 377 -5.31 -8.26 -2.61
CA VAL B 377 -5.90 -8.37 -3.98
C VAL B 377 -5.94 -6.97 -4.60
N SER B 378 -6.36 -5.97 -3.81
CA SER B 378 -6.44 -4.55 -4.24
C SER B 378 -5.04 -4.05 -4.66
N LEU B 379 -3.98 -4.45 -3.95
CA LEU B 379 -2.58 -3.99 -4.20
C LEU B 379 -1.89 -4.86 -5.27
N GLU B 380 -2.51 -5.97 -5.70
CA GLU B 380 -1.93 -6.94 -6.66
C GLU B 380 -2.41 -6.63 -8.09
N ASN B 381 -3.28 -5.63 -8.28
CA ASN B 381 -3.99 -5.40 -9.57
C ASN B 381 -4.00 -3.91 -9.92
N GLY B 382 -3.78 -3.59 -11.20
CA GLY B 382 -3.82 -2.23 -11.75
C GLY B 382 -2.74 -1.35 -11.15
N GLN B 383 -3.09 -0.10 -10.85
CA GLN B 383 -2.12 0.95 -10.46
C GLN B 383 -1.78 0.82 -8.99
N PRO B 384 -0.59 1.30 -8.55
CA PRO B 384 -0.26 1.38 -7.14
C PRO B 384 -1.32 2.16 -6.37
N LYS B 385 -1.58 1.75 -5.13
CA LYS B 385 -2.55 2.42 -4.22
C LYS B 385 -1.86 2.72 -2.89
N LEU B 386 -2.30 3.79 -2.22
CA LEU B 386 -1.85 4.09 -0.84
C LEU B 386 -2.49 3.07 0.09
N ALA B 387 -1.73 2.59 1.07
CA ALA B 387 -2.20 1.62 2.07
C ALA B 387 -1.61 1.95 3.45
N ARG B 388 -2.44 1.82 4.49
CA ARG B 388 -2.01 1.62 5.89
C ARG B 388 -2.74 0.39 6.42
N MET B 389 -1.96 -0.65 6.73
CA MET B 389 -2.40 -1.82 7.53
C MET B 389 -2.28 -1.44 9.01
N VAL B 390 -3.22 -1.88 9.84
CA VAL B 390 -3.19 -1.68 11.31
C VAL B 390 -3.10 -3.06 11.96
N LYS B 391 -1.89 -3.43 12.38
CA LYS B 391 -1.54 -4.73 12.98
C LYS B 391 -2.22 -4.84 14.35
N GLY B 392 -2.71 -6.03 14.69
CA GLY B 392 -3.28 -6.35 16.01
C GLY B 392 -4.64 -5.71 16.25
N LYS B 393 -5.29 -5.21 15.20
CA LYS B 393 -6.65 -4.61 15.28
C LYS B 393 -7.57 -5.33 14.28
N LYS B 394 -8.86 -5.41 14.61
CA LYS B 394 -9.88 -6.08 13.77
C LYS B 394 -10.55 -5.02 12.89
N HIS B 395 -11.77 -5.29 12.40
CA HIS B 395 -12.51 -4.48 11.41
C HIS B 395 -12.34 -2.98 11.70
N MET B 396 -11.93 -2.22 10.68
CA MET B 396 -11.77 -0.74 10.67
C MET B 396 -10.43 -0.31 11.28
N GLY B 397 -9.74 -1.17 12.04
CA GLY B 397 -8.43 -0.87 12.64
C GLY B 397 -8.42 0.46 13.39
N GLU B 398 -9.46 0.72 14.19
CA GLU B 398 -9.63 2.01 14.91
C GLU B 398 -8.99 1.87 16.29
N PRO B 399 -8.59 2.97 16.97
CA PRO B 399 -8.85 4.33 16.50
C PRO B 399 -7.84 4.93 15.51
N GLU B 400 -6.67 4.31 15.35
CA GLU B 400 -5.56 4.89 14.54
C GLU B 400 -6.04 5.15 13.10
N SER B 401 -6.87 4.27 12.55
CA SER B 401 -7.40 4.37 11.16
C SER B 401 -7.99 5.75 10.91
N PHE B 402 -8.78 6.28 11.85
CA PHE B 402 -9.44 7.61 11.71
C PHE B 402 -8.39 8.72 11.64
N SER B 403 -7.37 8.66 12.48
CA SER B 403 -6.25 9.65 12.51
C SER B 403 -5.49 9.62 11.18
N ILE B 404 -5.17 8.42 10.68
CA ILE B 404 -4.44 8.20 9.39
C ILE B 404 -5.22 8.89 8.25
N ILE B 405 -6.52 8.63 8.16
CA ILE B 405 -7.37 9.08 7.02
C ILE B 405 -7.55 10.60 7.09
N LEU B 406 -7.85 11.14 8.28
CA LEU B 406 -8.05 12.61 8.45
C LEU B 406 -6.73 13.33 8.14
N GLU B 407 -5.60 12.81 8.63
CA GLU B 407 -4.26 13.37 8.31
C GLU B 407 -4.12 13.47 6.79
N TRP B 408 -4.42 12.38 6.06
CA TRP B 408 -4.25 12.31 4.58
C TRP B 408 -5.20 13.27 3.88
N ILE B 409 -6.49 13.29 4.25
CA ILE B 409 -7.50 14.19 3.62
C ILE B 409 -7.09 15.64 3.85
N HIS B 410 -6.66 15.99 5.07
CA HIS B 410 -6.23 17.36 5.44
C HIS B 410 -5.06 17.79 4.53
N LYS B 411 -4.12 16.88 4.28
CA LYS B 411 -2.97 17.13 3.36
C LYS B 411 -3.51 17.29 1.94
N LEU B 412 -4.40 16.39 1.52
CA LEU B 412 -4.95 16.35 0.13
C LEU B 412 -5.68 17.68 -0.17
N LEU B 413 -6.44 18.21 0.79
CA LEU B 413 -7.35 19.37 0.59
C LEU B 413 -6.77 20.66 1.17
N GLY B 414 -5.56 20.61 1.74
CA GLY B 414 -4.87 21.77 2.34
C GLY B 414 -5.68 22.39 3.47
N LEU B 415 -6.23 21.56 4.37
CA LEU B 415 -7.04 22.01 5.54
C LEU B 415 -6.10 22.37 6.69
N ASP B 416 -6.65 22.70 7.87
CA ASP B 416 -5.88 23.30 8.99
C ASP B 416 -5.05 22.23 9.74
N GLY B 417 -5.23 20.95 9.39
CA GLY B 417 -4.47 19.82 9.97
C GLY B 417 -4.77 19.59 11.45
N LYS B 418 -5.84 20.18 12.00
CA LYS B 418 -6.21 20.04 13.43
C LYS B 418 -7.18 18.88 13.58
N ILE B 419 -6.67 17.65 13.43
CA ILE B 419 -7.49 16.41 13.30
C ILE B 419 -7.95 15.94 14.69
N LYS B 420 -7.16 16.18 15.74
CA LYS B 420 -7.51 15.85 17.14
C LYS B 420 -8.83 16.55 17.50
N GLU B 421 -8.90 17.86 17.25
CA GLU B 421 -10.10 18.70 17.51
C GLU B 421 -11.30 18.15 16.73
N GLN B 422 -11.12 17.77 15.46
CA GLN B 422 -12.18 17.24 14.58
C GLN B 422 -12.70 15.91 15.15
N LEU B 423 -11.78 15.00 15.51
CA LEU B 423 -12.14 13.67 16.08
C LEU B 423 -12.85 13.83 17.44
N ALA B 424 -12.48 14.84 18.23
CA ALA B 424 -13.05 15.10 19.58
C ALA B 424 -14.53 15.50 19.46
N MET B 425 -14.99 15.90 18.27
CA MET B 425 -16.40 16.29 18.00
C MET B 425 -17.28 15.05 17.74
N ILE B 426 -16.70 13.85 17.61
CA ILE B 426 -17.46 12.62 17.22
C ILE B 426 -18.23 12.04 18.41
N PRO B 427 -17.61 11.82 19.60
CA PRO B 427 -18.33 11.28 20.75
C PRO B 427 -19.55 12.10 21.15
N SER B 428 -20.71 11.45 21.28
CA SER B 428 -21.99 12.12 21.63
C SER B 428 -22.01 12.44 23.13
N ARG B 429 -22.17 13.73 23.46
CA ARG B 429 -22.31 14.24 24.85
C ARG B 429 -23.79 14.50 25.13
N THR B 430 -24.49 13.54 25.75
CA THR B 430 -25.96 13.52 25.97
C THR B 430 -26.25 13.51 27.47
#